data_3NQP
#
_entry.id   3NQP
#
_cell.length_a   129.093
_cell.length_b   87.958
_cell.length_c   107.041
_cell.angle_alpha   90.00
_cell.angle_beta   93.38
_cell.angle_gamma   90.00
#
_symmetry.space_group_name_H-M   'C 1 2 1'
#
loop_
_entity.id
_entity.type
_entity.pdbx_description
1 polymer 'SusD superfamily protein'
2 non-polymer 'ACETATE ION'
3 non-polymer 1,2-ETHANEDIOL
4 non-polymer DI(HYDROXYETHYL)ETHER
5 water water
#
_entity_poly.entity_id   1
_entity_poly.type   'polypeptide(L)'
_entity_poly.pdbx_seq_one_letter_code
;GDKLDLSPIDYYGSGSYWKTEAQATAYIDGIHKHLRDAAWQHTITFGELRGGRFITGASSDG(MSE)GVSNGDIILQNFD
ETHTGVSKFGDLFGRITNLNLFIARVTDATYLSDE(MSE)KNFYLGEVYGLRAFYYFDLYRIYGGVPLRLTADVVEGVID
PNKLY(MSE)ARSTPKEV(MSE)TQIKSDLNKS(MSE)EYFGN(MSE)NDFDPYKRGKKVYWSKAATECL(MSE)GEVYL
WTSKVTTGDDVANPADLTIAKTHLESVLNNYNLK(MSE)LDDFSQVFNAKNKANDEIIFAIRFLEGEATNSNGTFTYNVG
TGSTKNRYQANGEVFGDALDIQNTGNQTYEYNKAVYQNFDDADTRKEATFIASYNKDGKTGELSLYGTHVRKNIGYVNAQ
GARVYCGDYIFYRLPWVYLTLAEIAN(MSE)EGDNAAVAKYINLVRKRAYGNAWDETLYAYPETADFTTNELAILHEKDK
EFIQEGQRWWDLRR(MSE)TLTKGGTPLVFCKEGSLLGDAPILNKSTEAHKLLWPIEKT(MSE)LNKDPALEQTPGYK
;
_entity_poly.pdbx_strand_id   A,B
#
# COMPACT_ATOMS: atom_id res chain seq x y z
N TYR A 17 -2.79 -4.27 -40.46
CA TYR A 17 -2.24 -5.35 -41.35
C TYR A 17 -2.38 -6.74 -40.70
N TRP A 18 -2.59 -6.80 -39.38
CA TRP A 18 -2.83 -8.09 -38.71
C TRP A 18 -4.29 -8.43 -38.56
N LYS A 19 -4.54 -9.72 -38.42
CA LYS A 19 -5.89 -10.27 -38.37
C LYS A 19 -6.13 -11.07 -37.10
N THR A 20 -5.09 -11.47 -36.38
CA THR A 20 -5.30 -12.37 -35.24
C THR A 20 -4.55 -12.04 -33.92
N GLU A 21 -5.11 -12.54 -32.83
CA GLU A 21 -4.53 -12.37 -31.51
C GLU A 21 -3.15 -12.99 -31.47
N ALA A 22 -2.98 -14.18 -32.07
CA ALA A 22 -1.69 -14.86 -32.11
C ALA A 22 -0.56 -14.00 -32.68
N GLN A 23 -0.89 -13.18 -33.68
CA GLN A 23 0.11 -12.35 -34.32
C GLN A 23 0.54 -11.18 -33.43
N ALA A 24 -0.43 -10.53 -32.81
CA ALA A 24 -0.13 -9.44 -31.89
C ALA A 24 0.71 -9.96 -30.73
N THR A 25 0.32 -11.10 -30.16
CA THR A 25 1.02 -11.66 -29.04
C THR A 25 2.46 -12.07 -29.42
N ALA A 26 2.64 -12.65 -30.61
CA ALA A 26 3.98 -12.95 -31.14
C ALA A 26 4.83 -11.67 -31.24
N TYR A 27 4.24 -10.59 -31.71
CA TYR A 27 4.99 -9.38 -31.87
C TYR A 27 5.38 -8.81 -30.49
N ILE A 28 4.50 -8.94 -29.49
CA ILE A 28 4.84 -8.55 -28.11
C ILE A 28 6.02 -9.35 -27.59
N ASP A 29 6.03 -10.65 -27.85
N ASP A 29 6.02 -10.66 -27.86
CA ASP A 29 7.18 -11.45 -27.47
CA ASP A 29 7.15 -11.49 -27.51
C ASP A 29 8.44 -10.98 -28.15
C ASP A 29 8.43 -11.00 -28.15
N GLY A 30 8.34 -10.67 -29.44
CA GLY A 30 9.49 -10.17 -30.22
C GLY A 30 9.98 -8.86 -29.66
N ILE A 31 9.07 -7.95 -29.37
CA ILE A 31 9.43 -6.67 -28.72
C ILE A 31 10.24 -6.94 -27.45
N HIS A 32 9.81 -7.91 -26.64
CA HIS A 32 10.56 -8.21 -25.41
C HIS A 32 11.95 -8.84 -25.65
N LYS A 33 12.10 -9.65 -26.69
CA LYS A 33 13.37 -10.30 -26.96
C LYS A 33 14.36 -9.25 -27.52
N HIS A 34 13.85 -8.27 -28.26
N HIS A 34 13.83 -8.28 -28.26
CA HIS A 34 14.70 -7.21 -28.78
CA HIS A 34 14.63 -7.19 -28.81
C HIS A 34 15.11 -6.31 -27.62
C HIS A 34 15.09 -6.32 -27.63
N LEU A 35 14.24 -6.19 -26.62
CA LEU A 35 14.58 -5.44 -25.43
C LEU A 35 15.68 -6.22 -24.69
N ARG A 36 15.52 -7.55 -24.57
CA ARG A 36 16.57 -8.37 -23.96
C ARG A 36 17.92 -8.13 -24.65
N ASP A 37 17.89 -8.09 -25.97
CA ASP A 37 19.11 -7.90 -26.75
C ASP A 37 19.77 -6.52 -26.50
N ALA A 38 19.00 -5.54 -26.04
CA ALA A 38 19.60 -4.22 -25.67
C ALA A 38 19.94 -4.09 -24.20
N ALA A 39 19.77 -5.15 -23.42
CA ALA A 39 19.98 -5.07 -21.97
C ALA A 39 21.45 -4.80 -21.57
N TRP A 40 22.39 -5.41 -22.27
CA TRP A 40 23.80 -5.17 -21.92
C TRP A 40 24.10 -3.70 -22.15
N GLN A 41 23.65 -3.15 -23.27
CA GLN A 41 23.93 -1.74 -23.52
C GLN A 41 23.28 -0.84 -22.46
N HIS A 42 22.06 -1.17 -22.08
CA HIS A 42 21.30 -0.35 -21.14
C HIS A 42 22.00 -0.34 -19.75
N THR A 43 22.37 -1.53 -19.28
CA THR A 43 22.84 -1.70 -17.94
C THR A 43 24.35 -1.45 -17.88
N ILE A 44 25.10 -2.10 -18.76
CA ILE A 44 26.58 -2.04 -18.66
C ILE A 44 27.10 -0.81 -19.46
N THR A 45 26.90 -0.76 -20.77
CA THR A 45 27.51 0.34 -21.55
C THR A 45 27.08 1.72 -21.07
N PHE A 46 25.79 1.92 -20.89
CA PHE A 46 25.21 3.21 -20.52
C PHE A 46 25.25 3.42 -18.97
N GLY A 47 24.89 2.40 -18.20
CA GLY A 47 24.69 2.56 -16.76
C GLY A 47 25.95 2.46 -15.92
N GLU A 48 26.90 1.61 -16.32
CA GLU A 48 28.07 1.29 -15.44
C GLU A 48 29.38 1.91 -15.89
N LEU A 49 29.70 1.79 -17.19
CA LEU A 49 31.11 1.96 -17.59
C LEU A 49 31.74 3.32 -17.31
N ARG A 50 30.98 4.39 -17.46
CA ARG A 50 31.51 5.75 -17.21
C ARG A 50 31.54 6.10 -15.72
N GLY A 51 31.14 5.15 -14.88
CA GLY A 51 31.03 5.37 -13.43
C GLY A 51 32.31 5.57 -12.60
N GLY A 52 33.51 5.52 -13.19
CA GLY A 52 34.71 5.92 -12.45
C GLY A 52 35.28 4.81 -11.60
N ARG A 53 34.83 3.59 -11.78
CA ARG A 53 35.34 2.50 -10.95
C ARG A 53 35.80 1.25 -11.67
N PHE A 54 36.02 1.37 -12.98
CA PHE A 54 36.56 0.28 -13.78
C PHE A 54 38.06 0.51 -14.02
N ILE A 55 38.83 -0.56 -14.12
CA ILE A 55 40.23 -0.41 -14.50
C ILE A 55 40.32 -0.38 -16.03
N THR A 56 41.47 0.07 -16.54
CA THR A 56 41.80 -0.05 -17.95
C THR A 56 43.19 -0.67 -18.09
N GLY A 57 43.57 -0.96 -19.33
CA GLY A 57 44.79 -1.71 -19.61
C GLY A 57 44.52 -3.19 -19.45
N ALA A 58 45.45 -3.88 -18.84
CA ALA A 58 45.33 -5.33 -18.67
C ALA A 58 44.56 -5.61 -17.38
N SER A 59 43.63 -6.54 -17.47
CA SER A 59 42.96 -7.03 -16.29
C SER A 59 43.91 -7.84 -15.45
N SER A 60 43.52 -8.09 -14.21
CA SER A 60 44.24 -9.04 -13.35
C SER A 60 44.53 -10.36 -14.04
N ASP A 61 43.59 -10.82 -14.86
CA ASP A 61 43.72 -12.12 -15.53
C ASP A 61 44.67 -12.08 -16.75
N GLY A 62 45.08 -10.88 -17.14
CA GLY A 62 46.12 -10.71 -18.14
C GLY A 62 45.67 -10.18 -19.48
N GLY A 64 43.71 -7.34 -22.10
CA GLY A 64 43.29 -5.95 -22.31
C GLY A 64 41.77 -5.84 -22.21
N VAL A 65 41.28 -4.88 -21.42
CA VAL A 65 39.87 -4.79 -21.16
C VAL A 65 39.16 -4.10 -22.29
N SER A 66 37.86 -4.32 -22.39
CA SER A 66 37.05 -3.71 -23.48
C SER A 66 36.56 -2.32 -23.13
N ASN A 67 36.13 -1.57 -24.15
CA ASN A 67 35.52 -0.26 -23.97
C ASN A 67 36.39 0.71 -23.19
N GLY A 68 37.71 0.60 -23.30
CA GLY A 68 38.58 1.44 -22.44
C GLY A 68 38.33 2.93 -22.66
N ASP A 69 38.05 3.35 -23.89
CA ASP A 69 37.73 4.75 -24.14
C ASP A 69 36.50 5.27 -23.38
N ILE A 70 35.44 4.46 -23.30
CA ILE A 70 34.24 4.86 -22.50
C ILE A 70 34.66 5.06 -21.03
N ILE A 71 35.39 4.09 -20.51
CA ILE A 71 35.80 4.07 -19.14
C ILE A 71 36.66 5.30 -18.82
N LEU A 72 37.54 5.69 -19.75
CA LEU A 72 38.44 6.84 -19.61
C LEU A 72 37.76 8.17 -19.92
N GLN A 73 36.49 8.15 -20.26
CA GLN A 73 35.82 9.38 -20.64
C GLN A 73 36.39 10.01 -21.93
N ASN A 74 37.02 9.20 -22.80
CA ASN A 74 37.61 9.66 -24.04
C ASN A 74 36.50 9.65 -25.05
N PHE A 75 35.89 10.83 -25.28
CA PHE A 75 34.75 10.96 -26.14
C PHE A 75 34.96 12.10 -27.11
N ASP A 76 34.74 11.81 -28.39
CA ASP A 76 34.71 12.84 -29.47
C ASP A 76 34.10 12.18 -30.71
N GLU A 77 34.10 12.87 -31.85
CA GLU A 77 33.43 12.33 -33.03
C GLU A 77 34.04 11.05 -33.65
N THR A 78 35.24 10.64 -33.21
CA THR A 78 35.79 9.35 -33.62
C THR A 78 35.91 8.36 -32.45
N HIS A 79 35.43 8.76 -31.26
CA HIS A 79 35.39 7.89 -30.09
C HIS A 79 34.01 8.08 -29.41
N THR A 80 33.00 7.37 -29.89
CA THR A 80 31.61 7.67 -29.58
C THR A 80 30.95 6.64 -28.64
N GLY A 81 31.71 5.60 -28.26
CA GLY A 81 31.28 4.62 -27.28
C GLY A 81 30.40 3.55 -27.89
N VAL A 82 29.30 4.03 -28.49
CA VAL A 82 28.40 3.23 -29.31
C VAL A 82 28.20 3.93 -30.63
N SER A 83 27.70 3.19 -31.63
CA SER A 83 27.38 3.74 -32.93
C SER A 83 25.90 3.79 -33.09
N LYS A 84 25.46 4.58 -34.07
CA LYS A 84 24.10 4.60 -34.55
C LYS A 84 23.08 4.86 -33.45
N PHE A 85 23.34 5.85 -32.60
CA PHE A 85 22.43 6.15 -31.46
C PHE A 85 22.12 4.89 -30.64
N GLY A 86 23.11 4.01 -30.52
CA GLY A 86 22.94 2.78 -29.77
C GLY A 86 22.04 1.76 -30.45
N ASP A 87 21.79 1.94 -31.74
CA ASP A 87 20.96 1.05 -32.56
C ASP A 87 19.57 0.86 -31.96
N LEU A 88 19.05 1.87 -31.29
CA LEU A 88 17.73 1.74 -30.69
C LEU A 88 16.55 2.12 -31.59
N PHE A 89 16.78 2.83 -32.69
CA PHE A 89 15.63 3.30 -33.49
C PHE A 89 14.91 2.17 -34.22
N GLY A 90 15.61 1.08 -34.55
CA GLY A 90 14.91 -0.07 -35.16
C GLY A 90 13.86 -0.62 -34.19
N ARG A 91 14.27 -0.77 -32.92
CA ARG A 91 13.36 -1.21 -31.85
C ARG A 91 12.17 -0.27 -31.67
N ILE A 92 12.48 1.02 -31.58
CA ILE A 92 11.45 2.06 -31.46
C ILE A 92 10.44 1.98 -32.61
N THR A 93 10.91 1.80 -33.83
N THR A 93 10.93 1.79 -33.83
CA THR A 93 9.99 1.80 -34.96
CA THR A 93 10.08 1.73 -35.01
C THR A 93 9.03 0.60 -34.93
C THR A 93 9.05 0.62 -34.89
N ASN A 94 9.46 -0.52 -34.37
CA ASN A 94 8.59 -1.66 -34.15
C ASN A 94 7.52 -1.36 -33.11
N LEU A 95 7.87 -0.57 -32.09
CA LEU A 95 6.89 -0.11 -31.13
C LEU A 95 5.86 0.77 -31.82
N ASN A 96 6.32 1.71 -32.64
CA ASN A 96 5.40 2.60 -33.38
C ASN A 96 4.45 1.78 -34.23
N LEU A 97 5.00 0.78 -34.92
CA LEU A 97 4.19 -0.06 -35.79
C LEU A 97 3.15 -0.82 -34.98
N PHE A 98 3.54 -1.37 -33.84
CA PHE A 98 2.57 -2.07 -33.00
C PHE A 98 1.44 -1.14 -32.60
N ILE A 99 1.77 0.08 -32.21
CA ILE A 99 0.77 1.02 -31.73
C ILE A 99 -0.20 1.37 -32.86
N ALA A 100 0.35 1.73 -34.01
CA ALA A 100 -0.44 2.00 -35.23
C ALA A 100 -1.38 0.81 -35.56
N ARG A 101 -0.89 -0.40 -35.54
CA ARG A 101 -1.74 -1.54 -35.91
C ARG A 101 -2.79 -1.97 -34.90
N VAL A 102 -2.48 -1.80 -33.63
CA VAL A 102 -3.27 -2.40 -32.57
C VAL A 102 -4.29 -1.41 -31.94
N THR A 103 -4.02 -0.10 -32.01
CA THR A 103 -4.88 0.88 -31.36
C THR A 103 -6.37 0.66 -31.69
N ASP A 104 -6.70 0.37 -32.95
CA ASP A 104 -8.13 0.15 -33.32
C ASP A 104 -8.49 -1.28 -33.71
N ALA A 105 -7.68 -2.25 -33.28
CA ALA A 105 -7.89 -3.66 -33.59
C ALA A 105 -9.14 -4.21 -32.94
N THR A 106 -9.86 -5.06 -33.66
CA THR A 106 -11.09 -5.62 -33.15
C THR A 106 -10.97 -7.09 -32.78
N TYR A 107 -9.80 -7.68 -33.04
CA TYR A 107 -9.53 -9.09 -32.77
C TYR A 107 -8.89 -9.37 -31.42
N LEU A 108 -8.65 -8.35 -30.61
CA LEU A 108 -8.20 -8.51 -29.22
C LEU A 108 -9.33 -8.06 -28.30
N SER A 109 -9.41 -8.71 -27.15
CA SER A 109 -10.23 -8.19 -26.06
C SER A 109 -9.71 -6.79 -25.68
N ASP A 110 -10.61 -5.98 -25.16
CA ASP A 110 -10.21 -4.69 -24.61
C ASP A 110 -9.09 -4.85 -23.58
N GLU A 111 -9.20 -5.84 -22.68
CA GLU A 111 -8.20 -6.07 -21.61
C GLU A 111 -6.81 -6.36 -22.16
N LYS A 113 -5.72 -5.81 -25.34
CA LYS A 113 -5.29 -4.66 -26.12
C LYS A 113 -4.69 -3.57 -25.19
N ASN A 114 -5.41 -3.25 -24.12
CA ASN A 114 -5.01 -2.21 -23.21
C ASN A 114 -3.72 -2.63 -22.48
N PHE A 115 -3.60 -3.90 -22.11
CA PHE A 115 -2.38 -4.38 -21.44
C PHE A 115 -1.18 -4.25 -22.34
N TYR A 116 -1.34 -4.70 -23.58
CA TYR A 116 -0.30 -4.61 -24.59
C TYR A 116 0.04 -3.17 -24.91
N LEU A 117 -0.95 -2.31 -25.04
CA LEU A 117 -0.64 -0.90 -25.34
C LEU A 117 0.07 -0.25 -24.13
N GLY A 118 -0.33 -0.59 -22.91
CA GLY A 118 0.38 -0.13 -21.73
C GLY A 118 1.84 -0.52 -21.82
N GLU A 119 2.10 -1.73 -22.27
CA GLU A 119 3.48 -2.23 -22.29
C GLU A 119 4.26 -1.42 -23.34
N VAL A 120 3.66 -1.22 -24.51
CA VAL A 120 4.40 -0.70 -25.63
C VAL A 120 4.65 0.81 -25.48
N TYR A 121 3.69 1.55 -24.93
CA TYR A 121 3.96 2.97 -24.60
C TYR A 121 4.97 3.12 -23.49
N GLY A 122 4.92 2.22 -22.49
CA GLY A 122 5.94 2.20 -21.46
C GLY A 122 7.34 1.99 -22.01
N LEU A 123 7.48 1.04 -22.93
CA LEU A 123 8.76 0.70 -23.51
C LEU A 123 9.26 1.78 -24.44
N ARG A 124 8.35 2.51 -25.07
CA ARG A 124 8.80 3.59 -25.94
C ARG A 124 9.38 4.73 -25.06
N ALA A 125 8.76 4.99 -23.92
CA ALA A 125 9.33 5.88 -22.92
C ALA A 125 10.71 5.39 -22.44
N PHE A 126 10.80 4.10 -22.17
CA PHE A 126 12.02 3.51 -21.66
C PHE A 126 13.20 3.78 -22.60
N TYR A 127 13.01 3.46 -23.88
CA TYR A 127 14.05 3.64 -24.84
C TYR A 127 14.39 5.13 -25.00
N TYR A 128 13.37 5.96 -25.12
CA TYR A 128 13.65 7.38 -25.31
C TYR A 128 14.34 8.03 -24.11
N PHE A 129 14.13 7.49 -22.91
CA PHE A 129 14.75 8.03 -21.69
C PHE A 129 16.24 7.68 -21.65
N ASP A 130 16.63 6.49 -22.09
CA ASP A 130 18.06 6.19 -22.32
C ASP A 130 18.62 7.18 -23.36
N LEU A 131 17.94 7.36 -24.49
CA LEU A 131 18.45 8.26 -25.53
C LEU A 131 18.58 9.69 -24.98
N TYR A 132 17.62 10.14 -24.17
CA TYR A 132 17.69 11.50 -23.57
C TYR A 132 18.86 11.65 -22.61
N ARG A 133 19.09 10.64 -21.75
CA ARG A 133 20.19 10.72 -20.79
C ARG A 133 21.57 10.61 -21.44
N ILE A 134 21.65 9.87 -22.54
CA ILE A 134 22.91 9.68 -23.23
C ILE A 134 23.18 10.85 -24.20
N TYR A 135 22.19 11.25 -24.98
CA TYR A 135 22.39 12.21 -26.08
C TYR A 135 21.71 13.55 -25.88
N GLY A 136 20.72 13.64 -24.98
CA GLY A 136 19.89 14.84 -24.89
C GLY A 136 18.84 14.86 -25.99
N GLY A 137 19.00 15.77 -26.95
CA GLY A 137 18.17 15.75 -28.11
C GLY A 137 18.54 14.64 -29.09
N VAL A 138 17.50 13.99 -29.63
CA VAL A 138 17.63 12.92 -30.64
C VAL A 138 16.43 13.03 -31.59
N PRO A 139 16.52 12.39 -32.76
CA PRO A 139 15.36 12.38 -33.68
C PRO A 139 14.15 11.79 -33.00
N LEU A 140 12.97 12.39 -33.17
CA LEU A 140 11.75 11.82 -32.60
C LEU A 140 10.98 11.02 -33.66
N ARG A 141 11.32 9.74 -33.76
CA ARG A 141 10.62 8.81 -34.65
C ARG A 141 9.44 8.21 -33.92
N LEU A 142 8.24 8.59 -34.36
CA LEU A 142 6.99 8.16 -33.74
C LEU A 142 5.98 7.46 -34.70
N THR A 143 6.20 7.57 -36.00
CA THR A 143 5.30 7.00 -37.01
C THR A 143 6.14 6.30 -38.05
N LEU A 156 15.37 7.52 -43.00
CA LEU A 156 16.31 8.26 -42.16
C LEU A 156 16.14 9.78 -42.38
N TYR A 157 17.22 10.54 -42.21
CA TYR A 157 17.30 11.99 -42.52
C TYR A 157 16.29 12.87 -41.77
N ALA A 159 16.11 15.51 -38.33
CA ALA A 159 16.86 16.32 -37.39
C ALA A 159 16.62 15.83 -35.94
N ARG A 160 17.61 16.06 -35.08
CA ARG A 160 17.44 15.84 -33.66
C ARG A 160 16.43 16.84 -33.10
N SER A 161 15.42 16.35 -32.37
CA SER A 161 14.55 17.25 -31.61
C SER A 161 15.28 17.70 -30.35
N THR A 162 14.82 18.79 -29.73
CA THR A 162 15.50 19.29 -28.52
C THR A 162 15.26 18.36 -27.29
N PRO A 163 16.12 18.46 -26.26
CA PRO A 163 15.83 17.65 -25.05
C PRO A 163 14.40 17.85 -24.51
N LYS A 164 13.96 19.09 -24.39
N LYS A 164 13.97 19.10 -24.40
CA LYS A 164 12.58 19.34 -23.94
CA LYS A 164 12.59 19.39 -23.94
C LYS A 164 11.54 18.63 -24.79
C LYS A 164 11.53 18.67 -24.78
N GLU A 165 11.69 18.68 -26.12
CA GLU A 165 10.73 18.01 -27.01
C GLU A 165 10.75 16.49 -26.75
N VAL A 166 11.95 15.91 -26.59
CA VAL A 166 12.10 14.44 -26.33
C VAL A 166 11.42 14.08 -24.99
N THR A 168 9.10 15.80 -23.39
CA THR A 168 7.64 15.95 -23.52
C THR A 168 7.02 14.63 -24.02
N GLN A 169 7.69 13.98 -24.98
CA GLN A 169 7.20 12.77 -25.56
C GLN A 169 7.30 11.62 -24.58
N ILE A 170 8.45 11.56 -23.90
CA ILE A 170 8.63 10.53 -22.88
C ILE A 170 7.48 10.60 -21.87
N LYS A 171 7.21 11.78 -21.36
CA LYS A 171 6.18 11.92 -20.33
C LYS A 171 4.76 11.67 -20.90
N SER A 172 4.50 12.09 -22.13
CA SER A 172 3.22 11.75 -22.76
C SER A 172 3.04 10.24 -22.84
N ASP A 173 4.12 9.55 -23.23
CA ASP A 173 4.10 8.07 -23.31
C ASP A 173 3.93 7.39 -21.98
N LEU A 174 4.53 7.95 -20.93
CA LEU A 174 4.36 7.32 -19.62
C LEU A 174 2.90 7.47 -19.17
N ASN A 175 2.32 8.64 -19.37
CA ASN A 175 0.90 8.85 -19.01
C ASN A 175 -0.03 7.96 -19.80
N LYS A 176 0.22 7.79 -21.10
CA LYS A 176 -0.61 6.91 -21.92
C LYS A 176 -0.46 5.46 -21.43
N SER A 177 0.77 5.05 -21.10
CA SER A 177 1.03 3.71 -20.50
C SER A 177 0.13 3.51 -19.29
N GLU A 179 -2.58 5.10 -18.57
CA GLU A 179 -3.98 5.18 -18.93
C GLU A 179 -4.47 3.85 -19.44
N TYR A 180 -3.65 3.19 -20.25
CA TYR A 180 -4.01 1.88 -20.76
C TYR A 180 -3.98 0.78 -19.70
N PHE A 181 -2.98 0.77 -18.83
CA PHE A 181 -2.90 -0.25 -17.79
C PHE A 181 -4.10 -0.15 -16.81
N GLY A 182 -4.59 1.08 -16.58
CA GLY A 182 -5.72 1.35 -15.69
C GLY A 182 -5.47 0.77 -14.32
N ASN A 183 -6.40 -0.09 -13.90
CA ASN A 183 -6.33 -0.82 -12.61
C ASN A 183 -5.70 -2.21 -12.70
N ASN A 185 -3.03 -4.22 -12.09
CA ASN A 185 -1.73 -4.30 -11.35
C ASN A 185 -1.03 -5.66 -11.50
N ASP A 186 -1.68 -6.61 -12.18
CA ASP A 186 -1.18 -7.99 -12.25
C ASP A 186 0.12 -7.97 -13.05
N PHE A 187 1.09 -8.69 -12.54
CA PHE A 187 2.33 -8.84 -13.25
C PHE A 187 2.32 -9.84 -14.41
N ASP A 188 1.31 -10.72 -14.47
CA ASP A 188 1.41 -11.92 -15.35
C ASP A 188 0.02 -12.36 -15.80
N PRO A 189 -0.74 -11.44 -16.40
CA PRO A 189 -2.16 -11.68 -16.59
C PRO A 189 -2.51 -12.79 -17.59
N TYR A 190 -1.60 -13.11 -18.51
CA TYR A 190 -1.74 -14.18 -19.51
C TYR A 190 -0.78 -15.34 -19.24
N LYS A 191 -0.17 -15.36 -18.06
CA LYS A 191 0.68 -16.47 -17.65
C LYS A 191 1.77 -16.78 -18.65
N ARG A 192 2.36 -15.72 -19.20
CA ARG A 192 3.45 -15.86 -20.16
C ARG A 192 4.83 -15.78 -19.49
N GLY A 193 4.90 -15.21 -18.30
CA GLY A 193 6.21 -15.04 -17.65
C GLY A 193 6.17 -13.89 -16.65
N LYS A 194 6.13 -14.25 -15.38
CA LYS A 194 5.93 -13.28 -14.32
C LYS A 194 7.18 -12.38 -14.21
N LYS A 195 6.96 -11.08 -14.14
CA LYS A 195 8.00 -10.09 -13.98
C LYS A 195 9.02 -10.00 -15.11
N VAL A 196 8.78 -10.69 -16.23
CA VAL A 196 9.64 -10.53 -17.41
C VAL A 196 8.95 -9.96 -18.65
N TYR A 197 7.71 -9.53 -18.47
CA TYR A 197 6.99 -8.66 -19.40
C TYR A 197 6.75 -7.34 -18.69
N TRP A 198 6.74 -6.25 -19.44
CA TRP A 198 6.55 -4.94 -18.84
C TRP A 198 5.18 -4.85 -18.22
N SER A 199 5.06 -4.08 -17.14
CA SER A 199 3.87 -4.08 -16.30
C SER A 199 3.59 -2.67 -15.84
N LYS A 200 2.45 -2.48 -15.19
CA LYS A 200 2.08 -1.19 -14.59
C LYS A 200 3.10 -0.74 -13.55
N ALA A 201 3.50 -1.65 -12.68
CA ALA A 201 4.56 -1.32 -11.72
C ALA A 201 5.83 -0.81 -12.39
N ALA A 202 6.21 -1.43 -13.49
CA ALA A 202 7.40 -1.05 -14.20
C ALA A 202 7.28 0.36 -14.74
N THR A 203 6.10 0.70 -15.28
CA THR A 203 5.85 2.07 -15.72
C THR A 203 5.93 3.04 -14.54
N GLU A 204 5.40 2.66 -13.39
CA GLU A 204 5.48 3.52 -12.21
C GLU A 204 6.95 3.72 -11.74
N CYS A 205 7.77 2.67 -11.81
CA CYS A 205 9.19 2.79 -11.52
C CYS A 205 9.89 3.77 -12.47
N LEU A 206 9.67 3.56 -13.75
CA LEU A 206 10.16 4.46 -14.76
C LEU A 206 9.69 5.88 -14.50
N GLY A 208 9.00 7.18 -11.62
CA GLY A 208 9.82 7.61 -10.51
C GLY A 208 11.21 8.03 -10.96
N GLU A 209 11.79 7.28 -11.88
CA GLU A 209 13.15 7.54 -12.34
C GLU A 209 13.19 8.82 -13.20
N VAL A 210 12.24 8.93 -14.11
CA VAL A 210 12.15 10.07 -15.04
C VAL A 210 11.85 11.38 -14.30
N TYR A 211 10.82 11.39 -13.45
CA TYR A 211 10.46 12.60 -12.71
C TYR A 211 11.50 13.03 -11.63
N LEU A 212 12.17 12.09 -10.98
CA LEU A 212 13.27 12.49 -10.16
C LEU A 212 14.38 13.16 -10.97
N TRP A 213 14.75 12.52 -12.07
CA TRP A 213 15.76 13.07 -12.96
C TRP A 213 15.40 14.49 -13.39
N THR A 214 14.20 14.71 -13.91
CA THR A 214 13.85 16.05 -14.40
C THR A 214 13.70 17.06 -13.24
N SER A 215 13.46 16.59 -12.02
N SER A 215 13.43 16.56 -12.03
CA SER A 215 13.43 17.51 -10.89
CA SER A 215 13.44 17.43 -10.86
C SER A 215 14.81 18.03 -10.46
C SER A 215 14.80 18.10 -10.60
N LYS A 216 15.89 17.39 -10.93
CA LYS A 216 17.22 17.75 -10.53
C LYS A 216 18.21 18.15 -11.63
N VAL A 217 17.98 17.69 -12.84
CA VAL A 217 18.94 17.82 -13.95
C VAL A 217 18.36 18.67 -15.08
N THR A 218 19.10 19.70 -15.45
CA THR A 218 18.89 20.48 -16.68
C THR A 218 19.66 19.86 -17.83
N THR A 219 18.97 19.52 -18.92
CA THR A 219 19.63 19.15 -20.18
C THR A 219 19.14 20.07 -21.26
N GLY A 220 20.04 20.83 -21.87
CA GLY A 220 19.67 21.85 -22.86
C GLY A 220 18.52 22.72 -22.40
N ASP A 221 17.44 22.71 -23.17
CA ASP A 221 16.22 23.49 -22.91
C ASP A 221 15.24 22.79 -21.95
N ASP A 222 15.60 21.62 -21.44
CA ASP A 222 14.75 20.95 -20.45
C ASP A 222 15.28 21.26 -19.05
N VAL A 223 14.72 22.27 -18.40
CA VAL A 223 15.25 22.87 -17.16
C VAL A 223 14.75 22.14 -15.90
N ALA A 224 15.65 21.80 -14.98
CA ALA A 224 15.29 21.12 -13.73
C ALA A 224 14.04 21.78 -13.13
N ASN A 225 13.09 20.95 -12.73
CA ASN A 225 11.79 21.37 -12.25
C ASN A 225 11.43 20.64 -10.94
N PRO A 226 11.70 21.26 -9.79
CA PRO A 226 11.44 20.62 -8.49
C PRO A 226 9.99 20.19 -8.27
N ALA A 227 9.04 20.80 -8.97
CA ALA A 227 7.62 20.40 -8.90
C ALA A 227 7.40 18.90 -9.26
N ASP A 228 8.38 18.33 -9.97
CA ASP A 228 8.30 16.96 -10.44
C ASP A 228 8.55 15.98 -9.30
N LEU A 229 9.20 16.43 -8.22
CA LEU A 229 9.50 15.51 -7.07
C LEU A 229 8.26 14.81 -6.53
N THR A 230 7.17 15.56 -6.40
N THR A 230 7.17 15.54 -6.41
CA THR A 230 5.91 15.03 -5.85
CA THR A 230 5.97 14.96 -5.82
C THR A 230 5.36 13.89 -6.71
C THR A 230 5.35 13.87 -6.71
N ILE A 231 5.46 14.04 -8.03
CA ILE A 231 4.99 13.02 -8.96
C ILE A 231 5.86 11.75 -8.85
N ALA A 232 7.16 11.92 -8.83
CA ALA A 232 8.09 10.78 -8.64
C ALA A 232 7.73 10.04 -7.37
N LYS A 233 7.50 10.81 -6.31
CA LYS A 233 7.26 10.27 -4.99
C LYS A 233 6.00 9.45 -4.94
N THR A 234 4.94 9.98 -5.54
CA THR A 234 3.68 9.29 -5.55
C THR A 234 3.84 7.94 -6.25
N HIS A 235 4.55 7.91 -7.38
CA HIS A 235 4.63 6.68 -8.16
C HIS A 235 5.52 5.67 -7.46
N LEU A 236 6.60 6.13 -6.84
CA LEU A 236 7.47 5.18 -6.13
C LEU A 236 6.79 4.61 -4.89
N GLU A 237 6.02 5.44 -4.18
CA GLU A 237 5.30 4.94 -3.00
C GLU A 237 4.21 3.99 -3.44
N SER A 238 3.65 4.22 -4.61
CA SER A 238 2.64 3.28 -5.15
C SER A 238 3.26 1.90 -5.38
N VAL A 239 4.47 1.92 -5.96
CA VAL A 239 5.22 0.68 -6.12
C VAL A 239 5.43 -0.02 -4.80
N LEU A 240 5.79 0.72 -3.73
CA LEU A 240 5.99 0.08 -2.44
C LEU A 240 4.70 -0.49 -1.88
N ASN A 241 3.56 0.15 -2.19
CA ASN A 241 2.33 -0.14 -1.40
C ASN A 241 1.30 -1.08 -2.02
N ASN A 242 1.29 -1.19 -3.35
CA ASN A 242 0.14 -1.68 -4.10
C ASN A 242 0.39 -2.95 -4.92
N TYR A 243 1.57 -3.55 -4.78
CA TYR A 243 1.96 -4.66 -5.64
C TYR A 243 2.47 -5.91 -4.93
N ASN A 244 2.35 -5.96 -3.61
CA ASN A 244 2.80 -7.10 -2.85
C ASN A 244 4.28 -7.38 -2.95
N LEU A 245 5.07 -6.35 -3.22
CA LEU A 245 6.50 -6.50 -3.31
C LEU A 245 7.15 -6.58 -1.91
N LYS A 246 8.24 -7.35 -1.82
CA LYS A 246 8.98 -7.46 -0.56
C LYS A 246 10.45 -7.66 -0.81
N LEU A 248 13.89 -9.50 -0.15
CA LEU A 248 14.26 -10.82 0.33
C LEU A 248 15.21 -10.71 1.50
N ASP A 249 15.15 -11.71 2.39
CA ASP A 249 16.11 -11.75 3.49
C ASP A 249 17.55 -11.95 3.03
N ASP A 250 17.77 -12.73 1.97
CA ASP A 250 19.13 -13.07 1.51
C ASP A 250 19.42 -12.36 0.18
N PHE A 251 20.39 -11.46 0.19
CA PHE A 251 20.82 -10.76 -0.98
C PHE A 251 21.11 -11.67 -2.15
N SER A 252 21.80 -12.79 -1.94
CA SER A 252 22.19 -13.63 -3.08
C SER A 252 20.96 -14.25 -3.75
N GLN A 253 19.89 -14.46 -2.99
CA GLN A 253 18.67 -15.08 -3.54
C GLN A 253 17.98 -14.15 -4.50
N VAL A 254 18.31 -12.85 -4.40
CA VAL A 254 17.70 -11.89 -5.30
C VAL A 254 18.06 -12.27 -6.73
N PHE A 255 19.30 -12.72 -6.96
CA PHE A 255 19.88 -12.89 -8.32
C PHE A 255 19.90 -14.32 -8.75
N ASN A 256 19.68 -15.21 -7.77
CA ASN A 256 19.81 -16.65 -7.99
C ASN A 256 18.96 -17.08 -9.18
N ALA A 257 19.59 -17.74 -10.15
CA ALA A 257 18.92 -18.10 -11.40
C ALA A 257 17.85 -19.19 -11.16
N LYS A 258 17.85 -19.79 -9.97
CA LYS A 258 16.81 -20.76 -9.59
C LYS A 258 15.74 -20.10 -8.70
N ASN A 259 15.80 -18.77 -8.52
CA ASN A 259 14.80 -18.05 -7.72
C ASN A 259 14.26 -16.83 -8.48
N LYS A 260 14.10 -16.97 -9.79
CA LYS A 260 13.75 -15.83 -10.65
C LYS A 260 12.37 -15.32 -10.38
N ALA A 261 12.15 -14.09 -10.76
CA ALA A 261 10.84 -13.41 -10.61
C ALA A 261 10.33 -13.46 -9.18
N ASN A 262 11.26 -13.37 -8.25
CA ASN A 262 10.92 -13.31 -6.80
C ASN A 262 10.29 -11.99 -6.39
N ASP A 263 9.86 -11.92 -5.13
CA ASP A 263 9.03 -10.82 -4.63
C ASP A 263 9.76 -9.45 -4.56
N GLU A 264 11.08 -9.42 -4.66
CA GLU A 264 11.83 -8.15 -4.64
C GLU A 264 11.87 -7.54 -6.02
N ILE A 265 11.69 -8.36 -7.05
CA ILE A 265 11.85 -7.90 -8.42
C ILE A 265 10.55 -7.29 -8.92
N ILE A 266 10.67 -6.18 -9.65
CA ILE A 266 9.57 -5.52 -10.32
C ILE A 266 9.59 -5.88 -11.82
N PHE A 267 10.71 -5.64 -12.48
CA PHE A 267 10.87 -6.01 -13.88
C PHE A 267 12.33 -6.46 -14.17
N ALA A 268 12.47 -7.63 -14.81
CA ALA A 268 13.76 -8.18 -15.21
C ALA A 268 13.69 -8.68 -16.66
N ILE A 269 14.86 -8.66 -17.33
CA ILE A 269 15.07 -9.26 -18.63
C ILE A 269 15.39 -10.76 -18.44
N ARG A 270 14.60 -11.60 -19.08
CA ARG A 270 14.75 -13.07 -19.02
C ARG A 270 15.81 -13.60 -19.98
N PHE A 271 16.84 -14.24 -19.40
CA PHE A 271 17.81 -15.01 -20.15
C PHE A 271 17.45 -16.47 -19.82
N LEU A 272 17.53 -17.35 -20.82
CA LEU A 272 17.02 -18.73 -20.70
C LEU A 272 17.97 -19.66 -21.42
N GLU A 273 18.50 -20.65 -20.72
CA GLU A 273 19.33 -21.69 -21.33
C GLU A 273 18.67 -22.21 -22.60
N GLY A 274 19.47 -22.35 -23.64
CA GLY A 274 18.96 -22.81 -24.92
C GLY A 274 18.29 -21.77 -25.77
N GLU A 275 18.17 -20.53 -25.29
CA GLU A 275 17.54 -19.46 -26.08
C GLU A 275 18.48 -18.24 -26.19
N ALA A 276 18.84 -17.65 -25.05
CA ALA A 276 19.76 -16.51 -25.02
C ALA A 276 20.41 -16.47 -23.66
N THR A 277 21.72 -16.23 -23.66
CA THR A 277 22.52 -16.05 -22.46
C THR A 277 23.27 -14.71 -22.54
N ASN A 278 23.84 -14.26 -21.43
CA ASN A 278 24.43 -12.93 -21.39
C ASN A 278 25.95 -13.07 -21.25
N SER A 279 26.61 -11.93 -21.27
CA SER A 279 28.07 -11.86 -21.23
C SER A 279 28.67 -11.65 -19.83
N ASN A 280 27.97 -12.11 -18.79
CA ASN A 280 28.46 -11.94 -17.43
C ASN A 280 29.76 -12.74 -17.17
N GLY A 281 30.06 -13.70 -18.06
CA GLY A 281 31.36 -14.42 -18.02
C GLY A 281 32.59 -13.55 -18.24
N THR A 282 32.38 -12.39 -18.86
CA THR A 282 33.47 -11.45 -19.12
C THR A 282 33.96 -10.67 -17.93
N PHE A 283 33.30 -10.79 -16.77
CA PHE A 283 33.79 -10.16 -15.52
C PHE A 283 34.51 -11.20 -14.64
N THR A 284 34.87 -12.36 -15.21
CA THR A 284 35.42 -13.46 -14.39
C THR A 284 36.93 -13.72 -14.63
N TYR A 285 37.26 -14.86 -15.23
CA TYR A 285 38.62 -15.17 -15.59
C TYR A 285 38.57 -16.28 -16.69
N ASN A 286 39.69 -16.41 -17.38
CA ASN A 286 39.86 -17.35 -18.47
C ASN A 286 40.65 -18.55 -17.95
N VAL A 287 40.01 -19.68 -17.73
CA VAL A 287 40.74 -20.87 -17.21
C VAL A 287 41.77 -21.38 -18.24
N GLY A 288 41.42 -21.31 -19.51
CA GLY A 288 42.29 -21.73 -20.59
C GLY A 288 43.66 -21.06 -20.63
N THR A 289 43.67 -19.74 -20.54
CA THR A 289 44.88 -18.98 -20.85
C THR A 289 45.24 -17.87 -19.85
N GLY A 290 44.37 -17.61 -18.88
CA GLY A 290 44.57 -16.50 -17.96
C GLY A 290 45.41 -16.84 -16.75
N SER A 291 45.77 -15.82 -15.99
CA SER A 291 46.72 -15.98 -14.90
C SER A 291 46.01 -16.14 -13.56
N THR A 292 44.75 -15.71 -13.45
CA THR A 292 44.03 -15.81 -12.15
C THR A 292 44.07 -17.23 -11.57
N LYS A 293 43.90 -18.24 -12.40
CA LYS A 293 43.87 -19.65 -11.93
C LYS A 293 45.08 -20.07 -11.14
N ASN A 294 46.22 -19.41 -11.36
CA ASN A 294 47.46 -19.76 -10.66
C ASN A 294 47.71 -18.88 -9.45
N ARG A 295 46.79 -17.97 -9.12
CA ARG A 295 46.96 -17.16 -7.94
C ARG A 295 46.16 -17.89 -6.82
N TYR A 296 45.81 -17.16 -5.76
CA TYR A 296 45.28 -17.77 -4.56
C TYR A 296 43.95 -17.16 -4.13
N GLN A 297 43.17 -17.96 -3.43
CA GLN A 297 41.99 -17.53 -2.73
C GLN A 297 42.37 -17.02 -1.35
N ALA A 298 41.38 -16.39 -0.71
CA ALA A 298 41.48 -15.80 0.60
C ALA A 298 41.97 -16.80 1.64
N ASN A 299 41.63 -18.08 1.48
CA ASN A 299 42.05 -19.10 2.48
C ASN A 299 43.44 -19.62 2.19
N GLY A 300 44.08 -19.12 1.12
CA GLY A 300 45.44 -19.54 0.75
C GLY A 300 45.54 -20.67 -0.24
N GLU A 301 44.39 -21.25 -0.58
CA GLU A 301 44.27 -22.31 -1.56
C GLU A 301 44.49 -21.76 -2.95
N VAL A 302 45.05 -22.56 -3.84
CA VAL A 302 45.24 -22.12 -5.25
C VAL A 302 43.86 -21.82 -5.86
N PHE A 303 43.78 -20.74 -6.62
CA PHE A 303 42.47 -20.27 -7.12
C PHE A 303 41.81 -21.28 -8.08
N GLY A 304 42.54 -21.74 -9.10
CA GLY A 304 42.00 -22.74 -10.01
C GLY A 304 40.69 -22.22 -10.64
N ASP A 305 39.70 -23.08 -10.72
CA ASP A 305 38.40 -22.69 -11.25
C ASP A 305 37.43 -22.52 -10.10
N ALA A 306 37.74 -21.55 -9.23
CA ALA A 306 37.03 -21.37 -7.97
C ALA A 306 35.53 -21.07 -8.16
N LEU A 307 35.14 -20.42 -9.25
CA LEU A 307 33.72 -20.12 -9.54
C LEU A 307 32.97 -21.23 -10.24
N ASP A 308 33.67 -22.27 -10.69
N ASP A 308 33.70 -22.25 -10.69
CA ASP A 308 33.07 -23.30 -11.52
CA ASP A 308 33.13 -23.34 -11.50
C ASP A 308 32.45 -22.68 -12.78
C ASP A 308 32.50 -22.78 -12.77
N ILE A 309 33.33 -22.11 -13.57
CA ILE A 309 32.92 -21.58 -14.86
C ILE A 309 33.65 -22.30 -16.02
N GLN A 310 34.48 -23.30 -15.71
CA GLN A 310 35.24 -24.03 -16.73
C GLN A 310 35.94 -23.01 -17.64
N ASN A 311 35.95 -23.23 -18.96
CA ASN A 311 36.59 -22.30 -19.85
C ASN A 311 35.63 -21.31 -20.51
N THR A 312 34.56 -20.95 -19.82
CA THR A 312 33.52 -20.11 -20.39
C THR A 312 33.78 -18.62 -20.19
N GLY A 313 34.83 -18.27 -19.43
CA GLY A 313 35.02 -16.89 -18.96
C GLY A 313 36.20 -16.14 -19.55
N ASN A 314 36.19 -14.82 -19.34
CA ASN A 314 37.36 -14.00 -19.51
C ASN A 314 37.27 -12.84 -18.53
N GLN A 315 38.31 -12.03 -18.47
CA GLN A 315 38.30 -10.84 -17.64
C GLN A 315 38.61 -9.63 -18.50
N THR A 316 37.56 -9.17 -19.15
CA THR A 316 37.60 -8.00 -20.01
C THR A 316 36.80 -6.82 -19.45
N TYR A 317 36.22 -6.99 -18.27
CA TYR A 317 35.64 -5.91 -17.48
C TYR A 317 36.01 -6.21 -16.03
N GLU A 318 36.58 -5.23 -15.34
CA GLU A 318 37.01 -5.43 -13.96
C GLU A 318 36.91 -4.16 -13.12
N TYR A 319 36.28 -4.29 -11.96
CA TYR A 319 36.23 -3.17 -11.03
C TYR A 319 37.56 -2.96 -10.36
N ASN A 320 37.87 -1.68 -10.14
CA ASN A 320 39.05 -1.31 -9.33
C ASN A 320 38.84 -2.03 -8.01
N LYS A 321 39.91 -2.55 -7.43
CA LYS A 321 39.79 -3.37 -6.23
C LYS A 321 39.27 -2.62 -4.98
N ALA A 322 39.39 -1.30 -5.00
CA ALA A 322 38.75 -0.45 -3.98
C ALA A 322 37.24 -0.61 -3.92
N VAL A 323 36.60 -1.06 -4.98
CA VAL A 323 35.15 -1.27 -4.95
C VAL A 323 34.88 -2.43 -3.97
N TYR A 324 35.56 -3.55 -4.16
CA TYR A 324 35.56 -4.67 -3.19
C TYR A 324 35.97 -4.25 -1.77
N GLN A 325 37.07 -3.55 -1.64
CA GLN A 325 37.60 -3.18 -0.31
C GLN A 325 36.69 -2.19 0.44
N ASN A 326 35.83 -1.49 -0.29
CA ASN A 326 34.81 -0.62 0.35
C ASN A 326 33.75 -1.34 1.18
N PHE A 327 33.51 -2.61 0.88
CA PHE A 327 32.60 -3.41 1.69
C PHE A 327 33.24 -3.86 3.01
N ASP A 328 32.52 -3.73 4.13
CA ASP A 328 32.86 -4.45 5.36
C ASP A 328 32.74 -5.94 5.15
N ASP A 329 33.55 -6.73 5.84
CA ASP A 329 33.47 -8.17 5.70
C ASP A 329 32.12 -8.71 6.17
N ALA A 330 31.44 -8.00 7.07
CA ALA A 330 30.16 -8.46 7.62
C ALA A 330 29.01 -8.15 6.67
N ASP A 331 29.28 -7.44 5.60
CA ASP A 331 28.29 -7.11 4.56
C ASP A 331 28.24 -8.31 3.60
N THR A 332 27.11 -9.02 3.58
CA THR A 332 26.94 -10.22 2.74
C THR A 332 27.03 -9.89 1.24
N ARG A 333 26.83 -8.63 0.85
CA ARG A 333 26.96 -8.27 -0.58
C ARG A 333 28.40 -8.46 -1.07
N LYS A 334 29.36 -8.39 -0.16
CA LYS A 334 30.79 -8.44 -0.54
C LYS A 334 31.10 -9.74 -1.30
N GLU A 335 30.92 -10.86 -0.62
CA GLU A 335 31.23 -12.17 -1.22
C GLU A 335 30.11 -12.66 -2.13
N ALA A 336 28.89 -12.13 -2.00
CA ALA A 336 27.85 -12.45 -2.99
C ALA A 336 28.20 -11.82 -4.35
N THR A 337 28.82 -10.64 -4.33
CA THR A 337 29.08 -9.94 -5.55
C THR A 337 30.40 -10.38 -6.16
N PHE A 338 31.42 -10.58 -5.31
CA PHE A 338 32.76 -10.78 -5.72
C PHE A 338 33.43 -12.03 -5.12
N ILE A 339 34.39 -12.57 -5.85
CA ILE A 339 35.43 -13.43 -5.29
C ILE A 339 36.75 -12.70 -5.52
N ALA A 340 37.65 -12.78 -4.54
CA ALA A 340 38.95 -12.09 -4.67
C ALA A 340 40.05 -13.10 -5.03
N SER A 341 41.03 -12.64 -5.79
CA SER A 341 42.23 -13.43 -6.06
C SER A 341 43.40 -12.67 -5.46
N TYR A 342 44.36 -13.43 -4.94
CA TYR A 342 45.47 -12.89 -4.16
C TYR A 342 46.84 -13.39 -4.71
N ASN A 343 47.84 -12.51 -4.64
CA ASN A 343 49.24 -12.90 -4.68
C ASN A 343 49.67 -13.38 -3.33
N LYS A 344 50.63 -14.29 -3.30
N LYS A 344 50.66 -14.26 -3.29
CA LYS A 344 51.22 -14.79 -2.08
CA LYS A 344 51.20 -14.85 -2.07
C LYS A 344 52.69 -14.43 -2.15
C LYS A 344 52.69 -14.53 -2.09
N ASP A 345 53.17 -13.76 -1.12
CA ASP A 345 54.60 -13.39 -1.01
C ASP A 345 55.46 -14.67 -0.93
N GLY A 346 56.49 -14.73 -1.80
CA GLY A 346 57.37 -15.89 -1.88
C GLY A 346 58.10 -16.22 -0.58
N LYS A 347 58.46 -15.17 0.18
CA LYS A 347 59.18 -15.30 1.44
C LYS A 347 58.21 -15.58 2.61
N THR A 348 57.26 -14.68 2.82
CA THR A 348 56.42 -14.68 4.04
C THR A 348 55.08 -15.44 3.94
N GLY A 349 54.66 -15.83 2.73
CA GLY A 349 53.37 -16.49 2.50
C GLY A 349 52.16 -15.59 2.70
N GLU A 350 52.40 -14.30 2.90
CA GLU A 350 51.36 -13.34 3.13
C GLU A 350 50.60 -13.06 1.82
N LEU A 351 49.29 -12.94 1.93
CA LEU A 351 48.42 -12.78 0.79
C LEU A 351 48.13 -11.31 0.61
N SER A 352 48.22 -10.83 -0.63
CA SER A 352 47.82 -9.45 -0.92
C SER A 352 46.76 -9.44 -2.05
N LEU A 353 45.74 -8.62 -1.88
CA LEU A 353 44.64 -8.58 -2.84
C LEU A 353 45.16 -8.19 -4.22
N TYR A 354 44.84 -8.99 -5.22
CA TYR A 354 45.29 -8.74 -6.60
C TYR A 354 44.16 -8.35 -7.56
N GLY A 355 43.21 -9.25 -7.76
CA GLY A 355 42.07 -8.98 -8.62
C GLY A 355 40.76 -9.33 -7.94
N THR A 356 39.68 -8.94 -8.57
CA THR A 356 38.36 -9.26 -8.12
C THR A 356 37.58 -9.66 -9.34
N HIS A 357 36.55 -10.50 -9.14
CA HIS A 357 35.86 -11.23 -10.18
C HIS A 357 34.38 -11.39 -9.79
N VAL A 358 33.47 -11.04 -10.69
CA VAL A 358 32.08 -10.84 -10.30
C VAL A 358 31.29 -12.12 -10.45
N ARG A 359 30.77 -12.62 -9.32
CA ARG A 359 29.95 -13.80 -9.29
C ARG A 359 28.49 -13.51 -8.87
N LYS A 360 28.10 -12.24 -8.96
CA LYS A 360 26.79 -11.76 -8.51
C LYS A 360 25.64 -12.44 -9.22
N ASN A 361 25.78 -12.67 -10.52
CA ASN A 361 24.64 -13.03 -11.39
C ASN A 361 25.13 -13.83 -12.61
N ILE A 362 25.87 -14.91 -12.34
CA ILE A 362 26.48 -15.75 -13.39
C ILE A 362 25.72 -17.07 -13.62
N GLY A 363 24.42 -17.06 -13.31
CA GLY A 363 23.55 -18.21 -13.73
C GLY A 363 23.80 -19.49 -12.93
N TYR A 364 23.98 -20.62 -13.62
CA TYR A 364 24.22 -21.90 -12.93
C TYR A 364 25.03 -22.87 -13.76
N VAL A 365 25.39 -24.00 -13.18
CA VAL A 365 26.05 -25.05 -13.90
C VAL A 365 24.98 -26.09 -14.14
N ASN A 366 24.79 -26.46 -15.40
CA ASN A 366 23.71 -27.37 -15.74
C ASN A 366 24.06 -28.82 -15.44
N ALA A 367 23.15 -29.75 -15.75
CA ALA A 367 23.34 -31.17 -15.36
C ALA A 367 24.53 -31.78 -16.11
N GLN A 368 24.89 -31.23 -17.26
CA GLN A 368 26.06 -31.67 -18.00
C GLN A 368 27.36 -31.04 -17.52
N GLY A 369 27.31 -30.25 -16.43
CA GLY A 369 28.53 -29.64 -15.89
C GLY A 369 29.00 -28.38 -16.63
N ALA A 370 28.15 -27.80 -17.49
CA ALA A 370 28.49 -26.55 -18.13
C ALA A 370 27.88 -25.31 -17.47
N ARG A 371 28.71 -24.29 -17.26
CA ARG A 371 28.28 -23.00 -16.80
C ARG A 371 27.40 -22.36 -17.87
N VAL A 372 26.21 -21.93 -17.48
CA VAL A 372 25.30 -21.22 -18.36
C VAL A 372 24.99 -19.85 -17.79
N TYR A 373 25.35 -18.79 -18.52
CA TYR A 373 25.12 -17.41 -18.02
C TYR A 373 23.69 -16.94 -18.31
N CYS A 374 22.71 -17.55 -17.61
CA CYS A 374 21.32 -17.22 -17.77
C CYS A 374 20.76 -16.45 -16.57
N GLY A 375 21.62 -15.73 -15.84
CA GLY A 375 21.12 -14.79 -14.84
C GLY A 375 20.24 -13.71 -15.49
N ASP A 376 19.10 -13.39 -14.91
CA ASP A 376 18.21 -12.38 -15.53
C ASP A 376 18.80 -11.00 -15.30
N TYR A 377 18.55 -10.07 -16.23
CA TYR A 377 19.01 -8.70 -16.04
C TYR A 377 17.92 -7.85 -15.36
N ILE A 378 18.06 -7.61 -14.06
CA ILE A 378 17.01 -6.90 -13.29
C ILE A 378 17.16 -5.44 -13.60
N PHE A 379 16.08 -4.79 -14.07
CA PHE A 379 16.06 -3.37 -14.30
C PHE A 379 15.50 -2.61 -13.09
N TYR A 380 14.45 -3.11 -12.45
CA TYR A 380 13.93 -2.50 -11.22
C TYR A 380 13.68 -3.58 -10.17
N ARG A 381 14.22 -3.37 -8.96
CA ARG A 381 13.84 -4.19 -7.79
C ARG A 381 13.66 -3.28 -6.54
N LEU A 382 13.11 -3.82 -5.47
CA LEU A 382 12.59 -2.97 -4.40
C LEU A 382 13.63 -2.05 -3.73
N PRO A 383 14.88 -2.51 -3.42
CA PRO A 383 15.81 -1.57 -2.80
C PRO A 383 16.14 -0.33 -3.67
N TRP A 384 16.01 -0.45 -4.98
CA TRP A 384 16.11 0.72 -5.87
C TRP A 384 15.01 1.73 -5.52
N VAL A 385 13.82 1.22 -5.24
CA VAL A 385 12.67 2.10 -4.96
C VAL A 385 12.98 2.83 -3.65
N TYR A 386 13.44 2.08 -2.66
CA TYR A 386 13.86 2.70 -1.42
C TYR A 386 14.95 3.77 -1.54
N LEU A 387 16.04 3.50 -2.27
CA LEU A 387 17.13 4.49 -2.34
C LEU A 387 16.76 5.70 -3.21
N THR A 388 15.86 5.49 -4.17
CA THR A 388 15.32 6.56 -4.98
C THR A 388 14.42 7.49 -4.09
N LEU A 389 13.60 6.90 -3.22
CA LEU A 389 12.79 7.65 -2.25
C LEU A 389 13.67 8.31 -1.22
N ALA A 390 14.79 7.68 -0.85
CA ALA A 390 15.77 8.35 0.02
C ALA A 390 16.30 9.65 -0.62
N GLU A 391 16.62 9.59 -1.91
CA GLU A 391 17.11 10.76 -2.62
C GLU A 391 16.04 11.87 -2.67
N ILE A 392 14.77 11.50 -2.89
CA ILE A 392 13.67 12.48 -2.85
C ILE A 392 13.59 13.10 -1.45
N ALA A 393 13.67 12.26 -0.42
CA ALA A 393 13.68 12.70 0.97
C ALA A 393 14.78 13.76 1.22
N ASN A 394 15.98 13.45 0.75
CA ASN A 394 17.06 14.40 0.89
C ASN A 394 16.70 15.76 0.25
N GLU A 396 13.67 17.03 -0.10
CA GLU A 396 12.63 17.63 0.76
C GLU A 396 13.18 18.21 2.04
N GLY A 397 14.22 17.58 2.56
CA GLY A 397 14.69 17.85 3.91
C GLY A 397 14.23 16.83 4.96
N ASP A 398 13.72 15.68 4.53
CA ASP A 398 13.19 14.64 5.41
C ASP A 398 14.35 13.73 5.78
N ASN A 399 15.16 14.27 6.65
CA ASN A 399 16.38 13.59 7.06
C ASN A 399 16.12 12.25 7.74
N ALA A 400 15.02 12.18 8.49
CA ALA A 400 14.65 10.92 9.16
C ALA A 400 14.32 9.86 8.09
N ALA A 401 13.66 10.24 7.01
CA ALA A 401 13.30 9.28 5.94
C ALA A 401 14.55 8.84 5.14
N VAL A 402 15.51 9.75 4.93
CA VAL A 402 16.79 9.38 4.28
C VAL A 402 17.41 8.20 5.02
N ALA A 403 17.54 8.38 6.33
CA ALA A 403 18.15 7.38 7.20
C ALA A 403 17.35 6.09 7.22
N LYS A 404 16.03 6.20 7.27
CA LYS A 404 15.15 5.04 7.27
C LYS A 404 15.42 4.15 6.08
N TYR A 405 15.42 4.74 4.90
CA TYR A 405 15.54 3.93 3.68
C TYR A 405 16.97 3.34 3.52
N ILE A 406 18.00 4.13 3.85
CA ILE A 406 19.37 3.59 3.86
C ILE A 406 19.50 2.42 4.80
N ASN A 407 18.94 2.53 6.00
CA ASN A 407 19.05 1.47 6.98
C ASN A 407 18.21 0.22 6.66
N LEU A 408 17.09 0.39 5.97
CA LEU A 408 16.38 -0.77 5.46
C LEU A 408 17.31 -1.60 4.56
N VAL A 409 17.99 -0.95 3.62
CA VAL A 409 18.91 -1.67 2.72
C VAL A 409 20.11 -2.22 3.45
N ARG A 410 20.74 -1.44 4.35
CA ARG A 410 21.91 -1.93 5.09
C ARG A 410 21.55 -3.11 5.95
N LYS A 411 20.39 -3.03 6.60
CA LYS A 411 20.06 -4.06 7.56
C LYS A 411 19.96 -5.40 6.82
N ARG A 412 19.37 -5.38 5.65
CA ARG A 412 19.32 -6.60 4.82
C ARG A 412 20.72 -7.09 4.45
N ALA A 413 21.59 -6.16 4.05
CA ALA A 413 22.96 -6.48 3.62
C ALA A 413 23.75 -7.22 4.70
N TYR A 414 23.66 -6.73 5.94
CA TYR A 414 24.50 -7.28 7.01
C TYR A 414 23.97 -8.58 7.61
N GLY A 415 22.70 -8.89 7.38
CA GLY A 415 22.12 -10.19 7.71
C GLY A 415 22.16 -10.42 9.20
N ASN A 416 22.65 -11.58 9.62
CA ASN A 416 22.74 -11.90 11.04
C ASN A 416 23.84 -11.11 11.72
N ALA A 417 24.73 -10.48 10.95
CA ALA A 417 25.76 -9.63 11.52
C ALA A 417 25.30 -8.16 11.76
N TRP A 418 24.05 -7.85 11.44
CA TRP A 418 23.59 -6.46 11.60
C TRP A 418 23.69 -5.99 13.04
N ASP A 419 24.28 -4.82 13.21
CA ASP A 419 24.54 -4.26 14.51
C ASP A 419 24.47 -2.78 14.33
N GLU A 420 23.43 -2.14 14.88
CA GLU A 420 23.17 -0.72 14.59
C GLU A 420 24.32 0.18 14.99
N THR A 421 24.98 -0.18 16.09
N THR A 421 25.03 -0.09 16.08
CA THR A 421 26.09 0.54 16.68
CA THR A 421 26.09 0.83 16.49
C THR A 421 27.27 0.66 15.69
C THR A 421 27.31 0.74 15.58
N LEU A 422 27.51 -0.41 14.93
CA LEU A 422 28.62 -0.48 13.95
C LEU A 422 28.21 0.08 12.56
N TYR A 423 27.01 -0.24 12.14
CA TYR A 423 26.62 -0.18 10.70
C TYR A 423 25.45 0.73 10.36
N ALA A 424 24.71 1.23 11.35
CA ALA A 424 23.49 2.01 11.05
C ALA A 424 23.90 3.42 10.65
N TYR A 425 23.18 4.01 9.71
CA TYR A 425 23.38 5.41 9.33
C TYR A 425 22.66 6.36 10.29
N PRO A 426 23.39 7.26 10.97
CA PRO A 426 22.68 8.15 11.89
C PRO A 426 22.13 9.30 11.10
N GLU A 427 20.95 9.79 11.46
CA GLU A 427 20.34 10.84 10.70
C GLU A 427 21.13 12.12 10.80
N THR A 428 21.04 12.97 9.78
CA THR A 428 21.79 14.23 9.78
C THR A 428 21.09 15.23 8.92
N ALA A 429 21.28 16.51 9.27
CA ALA A 429 20.77 17.62 8.49
C ALA A 429 21.67 18.01 7.30
N ASP A 430 22.85 17.44 7.25
CA ASP A 430 23.80 17.76 6.22
C ASP A 430 23.42 17.08 4.92
N PHE A 431 22.99 17.91 3.96
CA PHE A 431 22.58 17.44 2.66
C PHE A 431 23.67 16.60 2.00
N THR A 432 24.91 17.06 2.08
CA THR A 432 26.01 16.41 1.39
C THR A 432 26.22 15.01 1.97
N THR A 433 26.18 14.91 3.29
CA THR A 433 26.48 13.61 3.93
C THR A 433 25.40 12.62 3.49
N ASN A 434 24.14 13.06 3.49
CA ASN A 434 23.02 12.25 3.05
C ASN A 434 23.14 11.84 1.58
N GLU A 435 23.38 12.80 0.68
CA GLU A 435 23.50 12.46 -0.77
C GLU A 435 24.61 11.43 -0.99
N LEU A 436 25.77 11.64 -0.37
CA LEU A 436 26.87 10.69 -0.52
C LEU A 436 26.58 9.33 0.10
N ALA A 437 25.89 9.32 1.21
CA ALA A 437 25.47 8.07 1.85
C ALA A 437 24.53 7.27 0.92
N ILE A 438 23.68 7.96 0.17
CA ILE A 438 22.72 7.32 -0.73
C ILE A 438 23.50 6.79 -1.92
N LEU A 439 24.38 7.61 -2.48
CA LEU A 439 25.25 7.17 -3.59
C LEU A 439 26.04 5.95 -3.19
N HIS A 440 26.66 5.99 -2.02
CA HIS A 440 27.57 4.91 -1.63
C HIS A 440 26.80 3.63 -1.30
N GLU A 441 25.54 3.76 -0.87
CA GLU A 441 24.69 2.60 -0.71
C GLU A 441 24.27 2.01 -2.06
N LYS A 442 23.91 2.85 -3.02
CA LYS A 442 23.69 2.40 -4.41
C LYS A 442 24.95 1.76 -5.00
N ASP A 443 26.12 2.31 -4.68
CA ASP A 443 27.39 1.79 -5.20
C ASP A 443 27.62 0.36 -4.75
N LYS A 444 27.24 0.06 -3.51
CA LYS A 444 27.33 -1.28 -2.97
C LYS A 444 26.20 -2.22 -3.40
N GLU A 445 24.97 -1.68 -3.47
CA GLU A 445 23.77 -2.49 -3.69
C GLU A 445 23.66 -2.94 -5.16
N PHE A 446 24.08 -2.07 -6.06
CA PHE A 446 23.78 -2.19 -7.49
C PHE A 446 25.00 -2.36 -8.43
N ILE A 447 26.03 -3.00 -7.92
CA ILE A 447 27.14 -3.45 -8.77
C ILE A 447 26.59 -4.29 -9.91
N GLN A 448 26.91 -3.87 -11.14
CA GLN A 448 26.56 -4.58 -12.34
C GLN A 448 25.06 -4.46 -12.66
N GLU A 449 24.41 -3.44 -12.09
CA GLU A 449 22.97 -3.18 -12.26
C GLU A 449 22.71 -1.75 -12.78
N GLY A 450 23.74 -1.10 -13.33
CA GLY A 450 23.55 0.00 -14.28
C GLY A 450 23.11 1.34 -13.69
N GLN A 451 23.53 1.64 -12.47
CA GLN A 451 23.12 2.88 -11.85
C GLN A 451 24.17 4.02 -11.75
N ARG A 452 25.43 3.66 -11.57
CA ARG A 452 26.39 4.66 -11.11
C ARG A 452 26.57 5.85 -12.05
N TRP A 453 26.60 5.62 -13.34
CA TRP A 453 26.77 6.75 -14.28
C TRP A 453 25.60 7.69 -14.09
N TRP A 454 24.38 7.11 -14.00
CA TRP A 454 23.18 7.94 -13.83
C TRP A 454 23.20 8.71 -12.49
N ASP A 455 23.59 8.01 -11.44
CA ASP A 455 23.73 8.62 -10.10
C ASP A 455 24.69 9.82 -10.09
N LEU A 456 25.82 9.69 -10.83
CA LEU A 456 26.80 10.77 -10.94
C LEU A 456 26.29 11.95 -11.72
N ARG A 457 25.49 11.70 -12.74
CA ARG A 457 24.86 12.79 -13.51
C ARG A 457 23.81 13.54 -12.67
N ARG A 458 23.11 12.80 -11.81
CA ARG A 458 21.87 13.26 -11.22
C ARG A 458 22.03 13.81 -9.83
N THR A 460 23.70 15.58 -6.59
CA THR A 460 24.37 16.86 -6.44
C THR A 460 25.04 17.00 -5.08
N LEU A 461 26.07 17.83 -4.98
CA LEU A 461 26.85 17.87 -3.77
C LEU A 461 26.05 18.58 -2.68
N THR A 462 25.27 19.59 -3.09
CA THR A 462 24.38 20.35 -2.24
C THR A 462 23.04 20.52 -2.96
N LYS A 463 22.00 20.91 -2.20
CA LYS A 463 20.68 21.07 -2.78
C LYS A 463 20.80 22.13 -3.83
N GLY A 464 20.37 21.83 -5.04
CA GLY A 464 20.48 22.78 -6.13
C GLY A 464 21.89 22.98 -6.66
N GLY A 465 22.86 22.16 -6.21
CA GLY A 465 24.25 22.42 -6.47
C GLY A 465 24.88 21.59 -7.60
N THR A 466 26.19 21.34 -7.50
CA THR A 466 26.94 20.74 -8.61
C THR A 466 26.71 19.22 -8.77
N PRO A 467 26.47 18.75 -10.00
CA PRO A 467 26.41 17.30 -10.20
C PRO A 467 27.64 16.57 -9.65
N LEU A 468 27.40 15.42 -9.05
CA LEU A 468 28.52 14.72 -8.40
C LEU A 468 29.59 14.22 -9.39
N VAL A 469 29.25 14.07 -10.68
CA VAL A 469 30.24 13.70 -11.70
C VAL A 469 31.38 14.75 -11.76
N PHE A 470 31.09 16.00 -11.39
CA PHE A 470 32.10 17.08 -11.35
C PHE A 470 32.83 17.31 -10.01
N CYS A 471 32.53 16.48 -9.01
CA CYS A 471 33.07 16.66 -7.66
C CYS A 471 33.97 15.50 -7.30
N LYS A 472 35.06 15.79 -6.59
CA LYS A 472 35.96 14.72 -6.13
C LYS A 472 35.21 13.73 -5.22
N GLU A 473 34.17 14.22 -4.53
CA GLU A 473 33.35 13.38 -3.68
C GLU A 473 32.59 12.27 -4.43
N GLY A 474 32.35 12.47 -5.72
CA GLY A 474 31.72 11.42 -6.56
C GLY A 474 32.65 10.30 -7.04
N SER A 475 33.96 10.55 -6.98
CA SER A 475 34.96 9.57 -7.43
C SER A 475 35.12 8.45 -6.42
N LEU A 476 35.65 7.35 -6.91
CA LEU A 476 35.82 6.14 -6.13
C LEU A 476 36.71 6.37 -4.94
N LEU A 477 37.84 7.02 -5.21
CA LEU A 477 38.84 7.29 -4.17
C LEU A 477 38.65 8.63 -3.42
N GLY A 478 37.83 9.55 -3.93
CA GLY A 478 37.62 10.85 -3.26
C GLY A 478 38.65 11.92 -3.61
N ASP A 479 39.49 11.63 -4.58
CA ASP A 479 40.67 12.42 -4.87
C ASP A 479 40.49 13.42 -6.00
N ALA A 480 39.73 13.07 -7.03
CA ALA A 480 39.62 13.95 -8.21
C ALA A 480 38.31 13.70 -8.93
N PRO A 481 37.71 14.73 -9.50
CA PRO A 481 36.41 14.54 -10.14
C PRO A 481 36.54 13.67 -11.36
N ILE A 482 35.49 12.91 -11.65
CA ILE A 482 35.47 12.06 -12.85
C ILE A 482 35.51 12.92 -14.12
N LEU A 483 34.72 13.99 -14.19
CA LEU A 483 34.85 15.05 -15.20
C LEU A 483 35.25 16.40 -14.60
N ASN A 484 36.04 17.13 -15.35
CA ASN A 484 36.46 18.47 -15.03
C ASN A 484 35.40 19.39 -15.59
N LYS A 485 34.67 20.07 -14.71
CA LYS A 485 33.57 20.89 -15.14
C LYS A 485 33.98 22.07 -16.06
N SER A 486 35.21 22.54 -15.97
CA SER A 486 35.58 23.73 -16.77
C SER A 486 35.98 23.36 -18.21
N THR A 487 36.41 22.11 -18.44
CA THR A 487 36.87 21.67 -19.74
C THR A 487 36.03 20.53 -20.33
N GLU A 488 35.24 19.83 -19.49
CA GLU A 488 34.55 18.59 -19.90
C GLU A 488 33.04 18.60 -19.69
N ALA A 489 32.46 19.77 -19.48
CA ALA A 489 30.99 19.89 -19.29
C ALA A 489 30.19 19.24 -20.45
N HIS A 490 30.73 19.34 -21.66
CA HIS A 490 30.09 18.77 -22.87
C HIS A 490 30.07 17.24 -22.82
N LYS A 491 30.95 16.62 -22.03
CA LYS A 491 31.01 15.16 -21.96
C LYS A 491 29.94 14.54 -21.04
N LEU A 492 29.06 15.35 -20.45
CA LEU A 492 27.87 14.80 -19.79
C LEU A 492 27.02 14.01 -20.80
N LEU A 493 26.98 14.48 -22.05
CA LEU A 493 26.31 13.85 -23.17
C LEU A 493 27.31 13.18 -24.09
N TRP A 494 26.84 12.22 -24.87
CA TRP A 494 27.68 11.46 -25.76
C TRP A 494 27.64 11.99 -27.20
N PRO A 495 28.80 11.94 -27.88
CA PRO A 495 28.79 12.45 -29.25
C PRO A 495 28.30 11.40 -30.24
N ILE A 496 28.00 11.83 -31.46
CA ILE A 496 27.73 10.89 -32.53
C ILE A 496 28.90 10.88 -33.55
N GLU A 497 28.98 9.79 -34.29
CA GLU A 497 30.09 9.49 -35.22
C GLU A 497 30.14 10.48 -36.38
N LYS A 498 31.36 10.87 -36.73
CA LYS A 498 31.67 11.68 -37.91
C LYS A 498 31.06 11.06 -39.16
N THR A 499 31.17 9.74 -39.31
CA THR A 499 30.67 9.09 -40.54
C THR A 499 29.18 9.32 -40.69
N LEU A 501 27.44 11.80 -39.34
CA LEU A 501 27.29 13.24 -39.60
C LEU A 501 27.51 13.51 -41.08
N ASN A 502 28.54 12.90 -41.67
CA ASN A 502 28.83 13.09 -43.11
C ASN A 502 27.71 12.54 -44.02
N LYS A 503 27.14 11.39 -43.68
CA LYS A 503 26.08 10.75 -44.50
C LYS A 503 24.70 11.40 -44.30
N ASP A 504 24.42 11.90 -43.09
CA ASP A 504 23.07 12.42 -42.75
C ASP A 504 23.13 13.92 -42.42
N PRO A 505 22.94 14.77 -43.42
CA PRO A 505 23.05 16.20 -43.17
C PRO A 505 21.94 16.83 -42.30
N ALA A 506 20.90 16.07 -41.93
CA ALA A 506 19.95 16.52 -40.90
C ALA A 506 20.54 16.55 -39.48
N LEU A 507 21.48 15.66 -39.20
CA LEU A 507 22.04 15.52 -37.90
C LEU A 507 23.10 16.55 -37.61
N GLU A 508 23.06 17.06 -36.40
CA GLU A 508 24.13 17.86 -35.85
C GLU A 508 24.81 17.10 -34.70
N GLN A 509 26.08 17.43 -34.50
CA GLN A 509 26.83 16.93 -33.38
C GLN A 509 26.16 17.29 -32.05
N THR A 510 26.36 16.43 -31.04
CA THR A 510 25.91 16.75 -29.70
C THR A 510 26.62 18.03 -29.25
N PRO A 511 25.92 18.92 -28.52
CA PRO A 511 26.50 20.21 -28.19
C PRO A 511 27.89 20.16 -27.52
N GLY A 512 28.75 21.10 -27.91
CA GLY A 512 30.03 21.32 -27.28
C GLY A 512 31.17 20.49 -27.77
N TYR A 513 30.87 19.39 -28.47
CA TYR A 513 31.95 18.58 -29.09
C TYR A 513 32.40 19.30 -30.35
N LYS A 514 33.66 19.13 -30.75
CA LYS A 514 34.22 19.68 -32.00
C LYS A 514 33.60 18.96 -33.20
N TYR B 17 -14.84 35.55 13.32
CA TYR B 17 -15.27 35.72 14.75
C TYR B 17 -14.23 35.18 15.77
N TRP B 18 -13.33 34.28 15.35
CA TRP B 18 -12.18 33.90 16.21
C TRP B 18 -10.92 34.63 15.80
N LYS B 19 -9.98 34.70 16.73
CA LYS B 19 -8.75 35.45 16.50
C LYS B 19 -7.51 34.59 16.62
N THR B 20 -7.63 33.42 17.27
CA THR B 20 -6.48 32.62 17.60
C THR B 20 -6.61 31.11 17.30
N GLU B 21 -5.45 30.49 17.09
CA GLU B 21 -5.34 29.07 16.87
C GLU B 21 -5.92 28.31 18.03
N ALA B 22 -5.63 28.74 19.26
CA ALA B 22 -6.14 28.11 20.49
C ALA B 22 -7.67 27.88 20.49
N GLN B 23 -8.41 28.86 19.97
CA GLN B 23 -9.87 28.83 19.93
C GLN B 23 -10.39 27.83 18.90
N ALA B 24 -9.80 27.88 17.70
CA ALA B 24 -10.15 26.88 16.66
C ALA B 24 -9.83 25.45 17.14
N THR B 25 -8.67 25.26 17.75
CA THR B 25 -8.23 23.97 18.27
C THR B 25 -9.13 23.47 19.42
N ALA B 26 -9.55 24.38 20.28
CA ALA B 26 -10.48 24.07 21.38
C ALA B 26 -11.82 23.57 20.83
N TYR B 27 -12.28 24.22 19.78
CA TYR B 27 -13.54 23.91 19.14
C TYR B 27 -13.50 22.53 18.46
N ILE B 28 -12.36 22.22 17.82
CA ILE B 28 -12.14 20.92 17.21
C ILE B 28 -12.23 19.87 18.29
N ASP B 29 -11.60 20.09 19.45
N ASP B 29 -11.61 20.11 19.45
CA ASP B 29 -11.70 19.15 20.57
CA ASP B 29 -11.69 19.21 20.60
C ASP B 29 -13.16 19.02 21.03
C ASP B 29 -13.14 19.03 21.06
N GLY B 30 -13.88 20.13 21.13
CA GLY B 30 -15.33 20.12 21.45
C GLY B 30 -16.16 19.28 20.48
N ILE B 31 -15.93 19.47 19.20
CA ILE B 31 -16.55 18.65 18.15
C ILE B 31 -16.29 17.19 18.34
N HIS B 32 -15.06 16.82 18.68
CA HIS B 32 -14.78 15.42 18.97
C HIS B 32 -15.46 14.86 20.24
N LYS B 33 -15.59 15.67 21.26
CA LYS B 33 -16.26 15.25 22.49
C LYS B 33 -17.79 15.13 22.29
N HIS B 34 -18.36 15.98 21.44
N HIS B 34 -18.35 15.99 21.44
CA HIS B 34 -19.78 15.87 21.12
CA HIS B 34 -19.78 15.93 21.08
C HIS B 34 -20.05 14.64 20.26
C HIS B 34 -20.06 14.67 20.23
N LEU B 35 -19.08 14.28 19.42
CA LEU B 35 -19.14 13.04 18.67
C LEU B 35 -19.04 11.84 19.61
N ARG B 36 -18.11 11.90 20.57
CA ARG B 36 -18.05 10.91 21.63
C ARG B 36 -19.43 10.71 22.28
N ASP B 37 -20.11 11.81 22.64
CA ASP B 37 -21.40 11.71 23.30
C ASP B 37 -22.49 11.09 22.39
N ALA B 38 -22.29 11.11 21.06
CA ALA B 38 -23.25 10.49 20.11
C ALA B 38 -22.85 9.07 19.71
N ALA B 39 -21.75 8.56 20.26
CA ALA B 39 -21.25 7.21 19.93
C ALA B 39 -22.20 6.04 20.28
N TRP B 40 -22.83 6.13 21.43
CA TRP B 40 -23.74 5.07 21.86
C TRP B 40 -24.88 4.95 20.86
N GLN B 41 -25.46 6.09 20.51
CA GLN B 41 -26.53 6.14 19.53
C GLN B 41 -26.07 5.66 18.13
N HIS B 42 -24.86 6.04 17.74
CA HIS B 42 -24.29 5.56 16.47
C HIS B 42 -24.17 4.05 16.41
N THR B 43 -23.47 3.49 17.40
CA THR B 43 -23.11 2.13 17.41
C THR B 43 -24.26 1.27 17.90
N ILE B 44 -24.83 1.59 19.07
CA ILE B 44 -25.80 0.68 19.66
C ILE B 44 -27.24 0.95 19.16
N THR B 45 -27.76 2.13 19.39
CA THR B 45 -29.16 2.44 19.02
C THR B 45 -29.38 2.23 17.51
N PHE B 46 -28.56 2.87 16.66
CA PHE B 46 -28.69 2.75 15.20
C PHE B 46 -28.13 1.46 14.61
N GLY B 47 -26.93 1.05 15.05
CA GLY B 47 -26.25 -0.09 14.46
C GLY B 47 -26.60 -1.49 14.92
N GLU B 48 -26.91 -1.65 16.22
CA GLU B 48 -27.09 -2.98 16.80
C GLU B 48 -28.54 -3.39 17.06
N LEU B 49 -29.34 -2.51 17.66
CA LEU B 49 -30.57 -2.93 18.33
C LEU B 49 -31.61 -3.57 17.42
N ARG B 50 -31.73 -3.07 16.19
CA ARG B 50 -32.75 -3.61 15.25
C ARG B 50 -32.28 -4.86 14.52
N GLY B 51 -31.10 -5.38 14.88
CA GLY B 51 -30.44 -6.50 14.17
C GLY B 51 -31.00 -7.89 14.46
N GLY B 52 -32.08 -8.00 15.24
CA GLY B 52 -32.75 -9.25 15.40
C GLY B 52 -32.06 -10.27 16.29
N ARG B 53 -31.12 -9.84 17.11
CA ARG B 53 -30.46 -10.81 18.00
C ARG B 53 -30.39 -10.41 19.47
N PHE B 54 -31.21 -9.43 19.86
CA PHE B 54 -31.43 -9.12 21.27
C PHE B 54 -32.70 -9.74 21.84
N ILE B 55 -32.66 -10.10 23.12
CA ILE B 55 -33.85 -10.52 23.83
C ILE B 55 -34.65 -9.29 24.28
N THR B 56 -35.95 -9.48 24.53
CA THR B 56 -36.80 -8.46 25.18
C THR B 56 -37.44 -9.09 26.42
N GLY B 57 -38.12 -8.27 27.20
CA GLY B 57 -38.70 -8.68 28.47
C GLY B 57 -37.60 -8.66 29.49
N ALA B 58 -37.59 -9.65 30.35
CA ALA B 58 -36.61 -9.64 31.43
C ALA B 58 -35.31 -10.29 30.97
N SER B 59 -34.20 -9.62 31.29
CA SER B 59 -32.86 -10.19 31.04
C SER B 59 -32.65 -11.39 31.93
N SER B 60 -31.63 -12.19 31.64
CA SER B 60 -31.21 -13.29 32.53
C SER B 60 -30.93 -12.84 33.96
N ASP B 61 -30.35 -11.64 34.13
CA ASP B 61 -30.10 -11.06 35.47
C ASP B 61 -31.36 -10.61 36.20
N GLY B 62 -32.49 -10.57 35.49
CA GLY B 62 -33.79 -10.35 36.11
C GLY B 62 -34.44 -8.99 35.87
N GLY B 64 -36.02 -5.77 33.39
CA GLY B 64 -36.65 -5.46 32.10
C GLY B 64 -35.63 -4.71 31.23
N VAL B 65 -35.49 -5.13 29.97
CA VAL B 65 -34.44 -4.58 29.11
C VAL B 65 -34.88 -3.29 28.53
N SER B 66 -33.91 -2.49 28.10
CA SER B 66 -34.20 -1.19 27.55
C SER B 66 -34.50 -1.22 26.06
N ASN B 67 -35.12 -0.16 25.57
CA ASN B 67 -35.38 0.02 24.14
C ASN B 67 -36.08 -1.17 23.48
N GLY B 68 -37.00 -1.84 24.20
CA GLY B 68 -37.70 -3.02 23.64
C GLY B 68 -38.44 -2.73 22.36
N ASP B 69 -39.08 -1.57 22.27
CA ASP B 69 -39.78 -1.21 21.03
C ASP B 69 -38.86 -1.22 19.79
N ILE B 70 -37.66 -0.70 19.91
CA ILE B 70 -36.72 -0.67 18.76
C ILE B 70 -36.39 -2.10 18.33
N ILE B 71 -36.07 -2.91 19.33
CA ILE B 71 -35.68 -4.30 19.16
C ILE B 71 -36.76 -5.12 18.51
N LEU B 72 -38.03 -4.86 18.88
CA LEU B 72 -39.21 -5.54 18.31
C LEU B 72 -39.68 -4.95 16.98
N GLN B 73 -38.98 -3.93 16.47
CA GLN B 73 -39.38 -3.26 15.22
C GLN B 73 -40.72 -2.56 15.34
N ASN B 74 -41.09 -2.16 16.57
CA ASN B 74 -42.34 -1.46 16.85
C ASN B 74 -42.11 0.01 16.60
N PHE B 75 -42.49 0.48 15.41
CA PHE B 75 -42.24 1.84 15.01
C PHE B 75 -43.49 2.49 14.43
N ASP B 76 -43.78 3.68 14.93
CA ASP B 76 -44.85 4.56 14.40
C ASP B 76 -44.68 5.95 14.97
N GLU B 77 -45.66 6.82 14.76
CA GLU B 77 -45.45 8.21 15.10
C GLU B 77 -45.40 8.46 16.62
N THR B 78 -45.73 7.45 17.45
CA THR B 78 -45.60 7.56 18.92
C THR B 78 -44.57 6.57 19.49
N HIS B 79 -43.90 5.84 18.59
CA HIS B 79 -42.83 4.91 18.96
C HIS B 79 -41.72 5.13 17.91
N THR B 80 -40.87 6.11 18.15
CA THR B 80 -39.92 6.58 17.14
C THR B 80 -38.46 6.14 17.43
N GLY B 81 -38.24 5.47 18.56
CA GLY B 81 -36.92 4.95 18.89
C GLY B 81 -36.01 5.98 19.51
N VAL B 82 -35.77 7.05 18.75
CA VAL B 82 -35.10 8.25 19.20
C VAL B 82 -36.01 9.44 18.91
N SER B 83 -35.75 10.56 19.58
CA SER B 83 -36.43 11.82 19.37
C SER B 83 -35.58 12.80 18.60
N LYS B 84 -36.25 13.78 18.01
CA LYS B 84 -35.59 14.95 17.43
C LYS B 84 -34.50 14.59 16.45
N PHE B 85 -34.77 13.65 15.54
CA PHE B 85 -33.79 13.23 14.51
C PHE B 85 -32.47 12.77 15.12
N GLY B 86 -32.56 12.19 16.31
CA GLY B 86 -31.42 11.72 17.05
C GLY B 86 -30.60 12.84 17.68
N ASP B 87 -31.13 14.06 17.67
CA ASP B 87 -30.45 15.22 18.29
C ASP B 87 -29.10 15.51 17.64
N LEU B 88 -28.97 15.18 16.37
CA LEU B 88 -27.72 15.43 15.64
C LEU B 88 -27.59 16.83 15.02
N PHE B 89 -28.69 17.58 14.90
CA PHE B 89 -28.60 18.89 14.20
C PHE B 89 -27.80 19.97 14.94
N GLY B 90 -27.78 19.92 16.26
CA GLY B 90 -26.90 20.81 17.03
C GLY B 90 -25.45 20.58 16.66
N ARG B 91 -25.05 19.29 16.62
CA ARG B 91 -23.69 18.91 16.27
C ARG B 91 -23.33 19.38 14.90
N ILE B 92 -24.24 19.14 13.95
CA ILE B 92 -24.08 19.53 12.57
C ILE B 92 -23.98 21.06 12.45
N THR B 93 -24.83 21.82 13.15
N THR B 93 -24.83 21.77 13.18
CA THR B 93 -24.72 23.29 13.04
CA THR B 93 -24.82 23.23 13.15
C THR B 93 -23.38 23.79 13.54
C THR B 93 -23.45 23.79 13.58
N ASN B 94 -22.83 23.16 14.58
CA ASN B 94 -21.48 23.52 15.01
C ASN B 94 -20.42 23.22 13.96
N LEU B 95 -20.59 22.14 13.19
CA LEU B 95 -19.67 21.85 12.09
C LEU B 95 -19.80 22.96 11.07
N ASN B 96 -21.02 23.34 10.75
CA ASN B 96 -21.28 24.44 9.80
C ASN B 96 -20.62 25.73 10.26
N LEU B 97 -20.64 25.97 11.57
CA LEU B 97 -20.07 27.19 12.14
C LEU B 97 -18.56 27.20 11.99
N PHE B 98 -17.94 26.07 12.33
CA PHE B 98 -16.50 25.93 12.14
C PHE B 98 -16.13 26.20 10.68
N ILE B 99 -16.82 25.57 9.75
CA ILE B 99 -16.47 25.75 8.33
C ILE B 99 -16.58 27.23 7.93
N ALA B 100 -17.69 27.86 8.28
CA ALA B 100 -17.92 29.27 7.98
C ALA B 100 -16.78 30.18 8.54
N ARG B 101 -16.28 29.85 9.72
CA ARG B 101 -15.33 30.72 10.43
C ARG B 101 -13.87 30.45 10.09
N VAL B 102 -13.56 29.21 9.71
CA VAL B 102 -12.20 28.79 9.48
C VAL B 102 -11.78 28.76 8.00
N THR B 103 -12.72 28.61 7.08
CA THR B 103 -12.37 28.55 5.67
C THR B 103 -11.39 29.67 5.25
N ASP B 104 -11.64 30.91 5.68
CA ASP B 104 -10.79 32.05 5.33
C ASP B 104 -9.95 32.61 6.49
N ALA B 105 -9.77 31.82 7.57
CA ALA B 105 -8.96 32.23 8.72
C ALA B 105 -7.52 32.44 8.31
N THR B 106 -6.90 33.49 8.87
CA THR B 106 -5.50 33.79 8.60
C THR B 106 -4.61 33.46 9.80
N TYR B 107 -5.23 33.05 10.91
CA TYR B 107 -4.48 32.79 12.16
C TYR B 107 -4.06 31.29 12.31
N LEU B 108 -4.34 30.46 11.30
CA LEU B 108 -3.92 29.06 11.32
C LEU B 108 -2.98 28.87 10.15
N SER B 109 -2.01 27.99 10.34
CA SER B 109 -1.20 27.49 9.23
C SER B 109 -2.10 26.86 8.14
N ASP B 110 -1.67 26.89 6.89
CA ASP B 110 -2.38 26.16 5.86
C ASP B 110 -2.53 24.68 6.23
N GLU B 111 -1.47 24.08 6.79
CA GLU B 111 -1.53 22.65 7.13
C GLU B 111 -2.60 22.36 8.22
N LYS B 113 -5.22 24.41 9.11
CA LYS B 113 -6.50 24.74 8.55
C LYS B 113 -7.02 23.56 7.71
N ASN B 114 -6.21 23.06 6.77
CA ASN B 114 -6.62 21.98 5.88
C ASN B 114 -6.92 20.69 6.65
N PHE B 115 -6.12 20.39 7.67
CA PHE B 115 -6.35 19.17 8.41
C PHE B 115 -7.68 19.28 9.16
N TYR B 116 -7.87 20.43 9.83
CA TYR B 116 -9.12 20.69 10.56
C TYR B 116 -10.35 20.67 9.66
N LEU B 117 -10.27 21.29 8.49
CA LEU B 117 -11.41 21.26 7.57
C LEU B 117 -11.65 19.85 6.99
N GLY B 118 -10.58 19.11 6.73
CA GLY B 118 -10.71 17.70 6.36
C GLY B 118 -11.55 16.95 7.37
N GLU B 119 -11.24 17.18 8.66
CA GLU B 119 -11.94 16.53 9.76
C GLU B 119 -13.41 16.87 9.79
N VAL B 120 -13.72 18.16 9.65
CA VAL B 120 -15.08 18.68 9.90
C VAL B 120 -15.98 18.36 8.71
N TYR B 121 -15.48 18.50 7.48
CA TYR B 121 -16.24 17.98 6.35
C TYR B 121 -16.51 16.47 6.42
N GLY B 122 -15.50 15.70 6.80
CA GLY B 122 -15.65 14.27 7.01
C GLY B 122 -16.74 13.94 8.04
N LEU B 123 -16.76 14.67 9.15
CA LEU B 123 -17.73 14.41 10.23
C LEU B 123 -19.13 14.88 9.84
N ARG B 124 -19.21 15.92 9.02
CA ARG B 124 -20.50 16.32 8.49
C ARG B 124 -21.08 15.23 7.57
N ALA B 125 -20.25 14.60 6.74
CA ALA B 125 -20.70 13.44 6.00
C ALA B 125 -21.12 12.32 6.95
N PHE B 126 -20.33 12.08 7.97
CA PHE B 126 -20.58 11.00 8.89
C PHE B 126 -21.96 11.11 9.54
N TYR B 127 -22.27 12.29 10.03
CA TYR B 127 -23.55 12.49 10.72
C TYR B 127 -24.68 12.36 9.70
N TYR B 128 -24.59 13.04 8.57
CA TYR B 128 -25.64 12.93 7.55
C TYR B 128 -25.84 11.50 7.01
N PHE B 129 -24.77 10.70 6.95
CA PHE B 129 -24.89 9.30 6.52
C PHE B 129 -25.71 8.51 7.57
N ASP B 130 -25.58 8.82 8.87
CA ASP B 130 -26.48 8.16 9.86
C ASP B 130 -27.90 8.64 9.59
N LEU B 131 -28.08 9.94 9.41
CA LEU B 131 -29.42 10.46 9.18
C LEU B 131 -30.06 9.85 7.89
N TYR B 132 -29.28 9.72 6.83
CA TYR B 132 -29.75 9.12 5.58
C TYR B 132 -30.17 7.67 5.74
N ARG B 133 -29.36 6.89 6.44
CA ARG B 133 -29.70 5.49 6.60
C ARG B 133 -30.89 5.27 7.53
N ILE B 134 -31.08 6.18 8.49
CA ILE B 134 -32.17 6.02 9.47
C ILE B 134 -33.49 6.59 8.96
N TYR B 135 -33.44 7.79 8.39
CA TYR B 135 -34.63 8.56 7.97
C TYR B 135 -34.83 8.70 6.48
N GLY B 136 -33.78 8.51 5.69
CA GLY B 136 -33.84 8.82 4.27
C GLY B 136 -33.65 10.31 4.07
N GLY B 137 -34.71 10.99 3.64
CA GLY B 137 -34.70 12.44 3.61
C GLY B 137 -34.75 13.08 4.98
N VAL B 138 -33.99 14.17 5.14
CA VAL B 138 -34.01 14.97 6.35
C VAL B 138 -33.73 16.41 5.95
N PRO B 139 -33.94 17.37 6.84
CA PRO B 139 -33.59 18.77 6.49
C PRO B 139 -32.09 18.95 6.27
N LEU B 140 -31.73 19.73 5.24
CA LEU B 140 -30.34 19.95 4.93
C LEU B 140 -29.86 21.28 5.53
N ARG B 141 -29.46 21.22 6.79
CA ARG B 141 -28.91 22.36 7.51
C ARG B 141 -27.42 22.43 7.26
N LEU B 142 -27.05 23.40 6.44
CA LEU B 142 -25.67 23.61 6.01
C LEU B 142 -25.06 24.98 6.41
N THR B 143 -25.83 25.80 7.12
CA THR B 143 -25.31 27.11 7.62
C THR B 143 -25.59 27.34 9.11
N LYS B 155 -33.31 25.42 14.18
CA LYS B 155 -34.31 26.37 13.70
C LYS B 155 -35.45 25.60 13.03
N LEU B 156 -36.67 25.97 13.33
CA LEU B 156 -37.79 25.24 12.79
C LEU B 156 -38.06 25.58 11.29
N TYR B 157 -39.03 24.88 10.74
CA TYR B 157 -39.70 25.23 9.49
C TYR B 157 -38.89 25.02 8.21
N ALA B 159 -38.16 22.11 5.43
CA ALA B 159 -38.69 20.86 4.92
C ALA B 159 -37.56 19.83 4.85
N ARG B 160 -37.93 18.56 4.90
CA ARG B 160 -37.00 17.50 4.61
C ARG B 160 -36.61 17.55 3.14
N SER B 161 -35.31 17.49 2.87
CA SER B 161 -34.84 17.24 1.50
C SER B 161 -35.02 15.75 1.15
N THR B 162 -34.88 15.43 -0.13
CA THR B 162 -35.04 14.06 -0.56
C THR B 162 -33.79 13.24 -0.19
N PRO B 163 -33.92 11.91 -0.20
CA PRO B 163 -32.74 11.09 -0.01
C PRO B 163 -31.63 11.37 -1.03
N LYS B 164 -31.96 11.56 -2.29
CA LYS B 164 -30.93 11.89 -3.28
C LYS B 164 -30.22 13.24 -2.96
N GLU B 165 -30.97 14.23 -2.50
CA GLU B 165 -30.39 15.53 -2.17
C GLU B 165 -29.46 15.42 -0.96
N VAL B 166 -29.86 14.64 0.03
CA VAL B 166 -28.99 14.38 1.20
C VAL B 166 -27.69 13.64 0.81
N THR B 168 -26.28 13.52 -2.19
CA THR B 168 -25.46 14.44 -2.99
C THR B 168 -24.57 15.28 -2.07
N GLN B 169 -25.16 15.78 -0.98
CA GLN B 169 -24.43 16.56 -0.01
C GLN B 169 -23.34 15.74 0.70
N ILE B 170 -23.70 14.54 1.14
CA ILE B 170 -22.78 13.66 1.79
C ILE B 170 -21.57 13.41 0.92
N LYS B 171 -21.81 13.09 -0.34
CA LYS B 171 -20.72 12.80 -1.27
C LYS B 171 -19.88 14.04 -1.60
N SER B 172 -20.52 15.21 -1.69
CA SER B 172 -19.78 16.46 -1.79
C SER B 172 -18.84 16.65 -0.62
N ASP B 173 -19.36 16.42 0.59
CA ASP B 173 -18.58 16.59 1.82
C ASP B 173 -17.39 15.62 1.94
N LEU B 174 -17.61 14.37 1.49
CA LEU B 174 -16.58 13.39 1.48
C LEU B 174 -15.46 13.84 0.51
N ASN B 175 -15.82 14.31 -0.68
CA ASN B 175 -14.81 14.80 -1.67
C ASN B 175 -14.02 16.00 -1.14
N LYS B 176 -14.72 16.94 -0.50
CA LYS B 176 -14.06 18.13 0.10
C LYS B 176 -13.13 17.72 1.23
N SER B 177 -13.55 16.74 2.04
CA SER B 177 -12.73 16.22 3.10
C SER B 177 -11.42 15.70 2.51
N GLU B 179 -10.07 16.51 -0.42
N GLU B 179 -10.07 16.50 -0.43
CA GLU B 179 -9.34 17.64 -0.99
CA GLU B 179 -9.33 17.64 -0.98
C GLU B 179 -8.56 18.39 0.08
C GLU B 179 -8.52 18.30 0.12
N TYR B 180 -9.14 18.56 1.25
CA TYR B 180 -8.43 19.21 2.36
C TYR B 180 -7.31 18.36 2.95
N PHE B 181 -7.56 17.09 3.20
CA PHE B 181 -6.53 16.23 3.76
C PHE B 181 -5.35 16.09 2.78
N GLY B 182 -5.63 16.10 1.49
CA GLY B 182 -4.55 15.98 0.48
C GLY B 182 -3.65 14.77 0.71
N ASN B 183 -2.34 15.02 0.77
CA ASN B 183 -1.35 13.95 1.03
C ASN B 183 -1.05 13.69 2.49
N ASN B 185 -1.45 11.80 5.35
CA ASN B 185 -1.93 10.48 5.83
C ASN B 185 -1.75 10.28 7.34
N ASP B 186 -1.06 11.23 7.99
CA ASP B 186 -0.74 11.14 9.42
C ASP B 186 -2.02 11.04 10.23
N PHE B 187 -1.99 10.12 11.17
CA PHE B 187 -3.07 9.93 12.12
C PHE B 187 -3.02 10.93 13.28
N ASP B 188 -1.87 11.56 13.53
CA ASP B 188 -1.68 12.34 14.77
C ASP B 188 -0.72 13.51 14.56
N PRO B 189 -1.03 14.39 13.60
CA PRO B 189 -0.02 15.37 13.18
C PRO B 189 0.33 16.40 14.26
N TYR B 190 -0.58 16.67 15.20
CA TYR B 190 -0.31 17.54 16.38
C TYR B 190 -0.16 16.82 17.72
N LYS B 191 0.02 15.50 17.70
CA LYS B 191 0.30 14.76 18.92
C LYS B 191 -0.74 15.01 19.98
N ARG B 192 -2.00 15.11 19.56
CA ARG B 192 -3.12 15.32 20.47
C ARG B 192 -3.86 14.05 20.84
N GLY B 193 -3.60 12.97 20.10
CA GLY B 193 -4.31 11.72 20.35
C GLY B 193 -4.36 10.89 19.08
N LYS B 194 -3.49 9.91 19.01
CA LYS B 194 -3.41 9.04 17.84
C LYS B 194 -4.70 8.20 17.67
N LYS B 195 -5.30 8.30 16.50
CA LYS B 195 -6.46 7.53 16.10
C LYS B 195 -7.78 7.88 16.80
N VAL B 196 -7.81 8.96 17.56
CA VAL B 196 -9.03 9.40 18.24
C VAL B 196 -9.49 10.79 17.74
N TYR B 197 -8.81 11.28 16.70
CA TYR B 197 -9.25 12.44 15.93
C TYR B 197 -9.51 11.95 14.51
N TRP B 198 -10.47 12.55 13.82
CA TRP B 198 -10.82 12.12 12.45
C TRP B 198 -9.59 12.37 11.57
N SER B 199 -9.37 11.48 10.60
CA SER B 199 -8.23 11.45 9.73
C SER B 199 -8.62 11.14 8.30
N LYS B 200 -7.65 11.25 7.42
CA LYS B 200 -7.81 10.90 6.03
C LYS B 200 -8.24 9.42 5.89
N ALA B 201 -7.62 8.53 6.63
CA ALA B 201 -8.02 7.13 6.56
C ALA B 201 -9.50 6.97 6.95
N ALA B 202 -9.92 7.67 7.99
CA ALA B 202 -11.31 7.61 8.41
C ALA B 202 -12.25 8.05 7.30
N THR B 203 -11.94 9.16 6.62
CA THR B 203 -12.73 9.58 5.46
C THR B 203 -12.75 8.46 4.38
N GLU B 204 -11.61 7.87 4.11
CA GLU B 204 -11.57 6.79 3.13
C GLU B 204 -12.46 5.61 3.55
N CYS B 205 -12.46 5.26 4.83
CA CYS B 205 -13.34 4.21 5.33
C CYS B 205 -14.81 4.59 5.13
N LEU B 206 -15.14 5.83 5.47
CA LEU B 206 -16.50 6.31 5.30
C LEU B 206 -16.88 6.26 3.83
N GLY B 208 -15.78 4.18 1.55
CA GLY B 208 -16.02 2.77 1.30
C GLY B 208 -17.40 2.36 1.76
N GLU B 209 -17.75 2.76 2.98
CA GLU B 209 -19.05 2.46 3.56
C GLU B 209 -20.22 3.08 2.76
N VAL B 210 -20.08 4.37 2.41
CA VAL B 210 -21.12 5.11 1.72
C VAL B 210 -21.31 4.61 0.25
N TYR B 211 -20.21 4.44 -0.48
CA TYR B 211 -20.29 4.02 -1.90
C TYR B 211 -20.67 2.54 -2.05
N LEU B 212 -20.25 1.66 -1.13
CA LEU B 212 -20.84 0.31 -1.12
C LEU B 212 -22.35 0.35 -0.90
N TRP B 213 -22.78 1.14 0.07
CA TRP B 213 -24.22 1.29 0.36
C TRP B 213 -25.01 1.77 -0.88
N THR B 214 -24.60 2.89 -1.48
CA THR B 214 -25.33 3.41 -2.63
C THR B 214 -25.18 2.56 -3.89
N SER B 215 -24.21 1.66 -3.93
N SER B 215 -24.18 1.68 -3.91
CA SER B 215 -24.15 0.68 -5.00
CA SER B 215 -24.09 0.63 -4.94
C SER B 215 -25.23 -0.41 -4.89
C SER B 215 -25.25 -0.36 -4.88
N LYS B 216 -25.76 -0.63 -3.68
CA LYS B 216 -26.67 -1.76 -3.41
C LYS B 216 -28.09 -1.40 -2.94
N VAL B 217 -28.26 -0.21 -2.36
CA VAL B 217 -29.53 0.16 -1.70
C VAL B 217 -30.16 1.35 -2.37
N THR B 218 -31.44 1.21 -2.70
CA THR B 218 -32.28 2.29 -3.15
C THR B 218 -33.07 2.87 -1.98
N THR B 219 -33.00 4.18 -1.80
CA THR B 219 -33.79 4.85 -0.76
C THR B 219 -34.47 6.01 -1.46
N GLY B 220 -35.79 5.95 -1.51
CA GLY B 220 -36.57 6.92 -2.28
C GLY B 220 -36.06 7.13 -3.68
N ASP B 221 -35.73 8.39 -4.00
CA ASP B 221 -35.21 8.79 -5.29
C ASP B 221 -33.69 8.56 -5.49
N ASP B 222 -33.03 8.00 -4.49
CA ASP B 222 -31.61 7.69 -4.59
C ASP B 222 -31.45 6.21 -4.93
N VAL B 223 -31.33 5.94 -6.22
CA VAL B 223 -31.48 4.59 -6.77
C VAL B 223 -30.11 3.94 -6.79
N ALA B 224 -30.03 2.69 -6.31
CA ALA B 224 -28.81 1.92 -6.27
C ALA B 224 -28.07 2.03 -7.59
N ASN B 225 -26.77 2.30 -7.50
CA ASN B 225 -25.95 2.58 -8.65
C ASN B 225 -24.65 1.76 -8.59
N PRO B 226 -24.61 0.59 -9.26
CA PRO B 226 -23.45 -0.33 -9.22
C PRO B 226 -22.11 0.29 -9.61
N ALA B 227 -22.14 1.37 -10.39
CA ALA B 227 -20.94 2.09 -10.78
C ALA B 227 -20.13 2.58 -9.56
N ASP B 228 -20.80 2.72 -8.40
CA ASP B 228 -20.16 3.20 -7.16
C ASP B 228 -19.22 2.17 -6.54
N LEU B 229 -19.36 0.88 -6.91
CA LEU B 229 -18.52 -0.18 -6.32
C LEU B 229 -17.03 0.06 -6.49
N THR B 230 -16.65 0.55 -7.67
N THR B 230 -16.62 0.54 -7.66
CA THR B 230 -15.24 0.82 -7.98
CA THR B 230 -15.21 0.76 -7.90
C THR B 230 -14.66 1.90 -7.07
C THR B 230 -14.66 1.87 -7.03
N ILE B 231 -15.46 2.90 -6.74
CA ILE B 231 -15.03 3.98 -5.87
C ILE B 231 -14.83 3.43 -4.46
N ALA B 232 -15.78 2.64 -3.97
CA ALA B 232 -15.68 2.04 -2.65
C ALA B 232 -14.41 1.22 -2.58
N LYS B 233 -14.20 0.40 -3.60
CA LYS B 233 -13.06 -0.51 -3.62
C LYS B 233 -11.74 0.23 -3.58
N THR B 234 -11.60 1.28 -4.38
CA THR B 234 -10.33 2.01 -4.42
C THR B 234 -10.02 2.60 -3.06
N HIS B 235 -11.01 3.20 -2.39
CA HIS B 235 -10.77 3.81 -1.10
C HIS B 235 -10.47 2.79 -0.02
N LEU B 236 -11.14 1.65 -0.06
CA LEU B 236 -10.89 0.61 0.95
C LEU B 236 -9.53 -0.03 0.75
N GLU B 237 -9.16 -0.26 -0.52
CA GLU B 237 -7.81 -0.80 -0.81
C GLU B 237 -6.74 0.20 -0.40
N SER B 238 -7.03 1.48 -0.58
CA SER B 238 -6.10 2.49 -0.14
C SER B 238 -5.89 2.43 1.36
N VAL B 239 -6.98 2.20 2.12
CA VAL B 239 -6.86 2.04 3.57
C VAL B 239 -5.98 0.86 3.89
N LEU B 240 -6.13 -0.26 3.15
CA LEU B 240 -5.29 -1.43 3.47
C LEU B 240 -3.82 -1.16 3.15
N ASN B 241 -3.56 -0.34 2.13
CA ASN B 241 -2.19 -0.24 1.57
C ASN B 241 -1.31 0.94 2.02
N ASN B 242 -1.91 2.08 2.41
CA ASN B 242 -1.20 3.33 2.52
C ASN B 242 -1.02 3.94 3.93
N TYR B 243 -1.40 3.21 4.97
CA TYR B 243 -1.47 3.75 6.33
C TYR B 243 -0.75 2.88 7.40
N ASN B 244 0.06 1.91 6.98
CA ASN B 244 0.73 1.01 7.91
C ASN B 244 -0.18 0.26 8.91
N LEU B 245 -1.41 -0.02 8.50
CA LEU B 245 -2.36 -0.71 9.37
C LEU B 245 -2.13 -2.21 9.32
N LYS B 246 -2.34 -2.88 10.46
CA LYS B 246 -2.11 -4.30 10.54
C LYS B 246 -3.11 -4.94 11.50
N LEU B 248 -4.05 -7.33 14.50
CA LEU B 248 -3.33 -7.90 15.65
C LEU B 248 -3.46 -9.41 15.68
N ASP B 249 -2.46 -10.07 16.24
CA ASP B 249 -2.52 -11.51 16.41
C ASP B 249 -3.59 -11.95 17.40
N ASP B 250 -3.85 -11.13 18.43
CA ASP B 250 -4.78 -11.49 19.50
C ASP B 250 -6.02 -10.58 19.46
N PHE B 251 -7.20 -11.18 19.26
CA PHE B 251 -8.46 -10.41 19.11
C PHE B 251 -8.72 -9.51 20.33
N SER B 252 -8.55 -10.07 21.53
CA SER B 252 -8.84 -9.32 22.78
C SER B 252 -7.95 -8.08 22.91
N GLN B 253 -6.73 -8.16 22.35
CA GLN B 253 -5.80 -7.01 22.36
C GLN B 253 -6.31 -5.85 21.52
N VAL B 254 -7.20 -6.13 20.56
CA VAL B 254 -7.81 -5.04 19.78
C VAL B 254 -8.53 -3.99 20.66
N PHE B 255 -9.24 -4.48 21.67
CA PHE B 255 -10.19 -3.68 22.45
C PHE B 255 -9.60 -3.33 23.82
N ASN B 256 -8.52 -4.01 24.18
CA ASN B 256 -7.89 -3.83 25.51
C ASN B 256 -7.64 -2.36 25.81
N ALA B 257 -8.15 -1.89 26.96
CA ALA B 257 -8.04 -0.48 27.31
C ALA B 257 -6.60 -0.02 27.62
N LYS B 258 -5.69 -0.98 27.78
N LYS B 258 -5.69 -0.97 27.77
CA LYS B 258 -4.26 -0.71 27.95
CA LYS B 258 -4.27 -0.64 27.93
C LYS B 258 -3.49 -0.74 26.61
C LYS B 258 -3.49 -0.89 26.62
N ASN B 259 -4.20 -0.99 25.49
CA ASN B 259 -3.56 -1.13 24.16
C ASN B 259 -4.27 -0.27 23.13
N LYS B 260 -4.76 0.90 23.55
CA LYS B 260 -5.55 1.77 22.67
C LYS B 260 -4.77 2.28 21.50
N ALA B 261 -5.48 2.63 20.43
CA ALA B 261 -4.86 3.25 19.27
C ALA B 261 -3.80 2.35 18.60
N ASN B 262 -4.03 1.05 18.68
CA ASN B 262 -3.15 0.04 18.11
C ASN B 262 -3.28 -0.05 16.58
N ASP B 263 -2.42 -0.86 15.98
CA ASP B 263 -2.26 -0.84 14.52
C ASP B 263 -3.51 -1.37 13.75
N GLU B 264 -4.43 -2.04 14.43
CA GLU B 264 -5.66 -2.49 13.78
C GLU B 264 -6.71 -1.40 13.68
N ILE B 265 -6.65 -0.41 14.56
CA ILE B 265 -7.65 0.69 14.59
C ILE B 265 -7.34 1.79 13.57
N ILE B 266 -8.39 2.23 12.87
CA ILE B 266 -8.34 3.39 11.98
C ILE B 266 -8.86 4.62 12.75
N PHE B 267 -10.05 4.51 13.33
CA PHE B 267 -10.66 5.57 14.12
C PHE B 267 -11.51 5.01 15.27
N ALA B 268 -11.29 5.54 16.48
CA ALA B 268 -12.06 5.16 17.69
C ALA B 268 -12.45 6.41 18.45
N ILE B 269 -13.56 6.33 19.18
CA ILE B 269 -14.00 7.29 20.17
C ILE B 269 -13.30 7.05 21.50
N ARG B 270 -12.58 8.07 21.96
CA ARG B 270 -11.85 8.00 23.19
C ARG B 270 -12.73 8.25 24.42
N PHE B 271 -12.75 7.25 25.30
CA PHE B 271 -13.29 7.38 26.62
C PHE B 271 -12.11 7.32 27.59
N LEU B 272 -12.19 8.05 28.70
CA LEU B 272 -10.98 8.36 29.50
C LEU B 272 -11.42 8.47 30.94
N GLU B 273 -10.81 7.65 31.80
CA GLU B 273 -11.13 7.67 33.25
C GLU B 273 -11.04 9.13 33.71
N GLY B 274 -12.03 9.59 34.48
CA GLY B 274 -12.02 10.94 34.99
C GLY B 274 -12.58 11.99 34.03
N GLU B 275 -12.85 11.62 32.79
CA GLU B 275 -13.48 12.57 31.85
C GLU B 275 -14.85 12.08 31.35
N ALA B 276 -14.89 10.88 30.73
CA ALA B 276 -16.12 10.32 30.18
C ALA B 276 -15.94 8.82 30.04
N THR B 277 -16.96 8.09 30.49
CA THR B 277 -17.01 6.64 30.41
C THR B 277 -18.32 6.24 29.71
N ASN B 278 -18.41 4.99 29.29
CA ASN B 278 -19.51 4.53 28.49
C ASN B 278 -20.43 3.59 29.28
N SER B 279 -21.55 3.25 28.67
CA SER B 279 -22.55 2.41 29.28
C SER B 279 -22.36 0.90 29.04
N ASN B 280 -21.13 0.44 28.76
CA ASN B 280 -20.92 -1.00 28.53
C ASN B 280 -21.20 -1.89 29.73
N GLY B 281 -21.27 -1.30 30.92
CA GLY B 281 -21.78 -2.01 32.10
C GLY B 281 -23.19 -2.52 31.99
N THR B 282 -23.99 -1.93 31.09
CA THR B 282 -25.39 -2.35 30.90
C THR B 282 -25.56 -3.72 30.23
N PHE B 283 -24.48 -4.30 29.69
CA PHE B 283 -24.53 -5.62 29.04
C PHE B 283 -23.99 -6.70 29.99
N THR B 284 -23.85 -6.39 31.28
CA THR B 284 -23.21 -7.33 32.22
C THR B 284 -24.22 -7.89 33.20
N TYR B 285 -24.09 -7.54 34.49
CA TYR B 285 -24.96 -8.03 35.55
C TYR B 285 -24.86 -7.06 36.73
N ASN B 286 -25.90 -7.13 37.59
CA ASN B 286 -26.02 -6.27 38.75
C ASN B 286 -25.66 -7.08 39.98
N VAL B 287 -24.50 -6.83 40.58
CA VAL B 287 -24.09 -7.64 41.70
C VAL B 287 -24.94 -7.33 42.93
N GLY B 288 -25.39 -6.10 43.05
CA GLY B 288 -26.22 -5.71 44.16
C GLY B 288 -27.53 -6.46 44.28
N THR B 289 -28.26 -6.55 43.17
CA THR B 289 -29.63 -7.03 43.22
C THR B 289 -30.00 -8.10 42.22
N GLY B 290 -29.10 -8.44 41.30
CA GLY B 290 -29.43 -9.37 40.24
C GLY B 290 -29.17 -10.81 40.58
N SER B 291 -29.63 -11.69 39.70
CA SER B 291 -29.60 -13.12 39.97
C SER B 291 -28.39 -13.85 39.33
N THR B 292 -27.73 -13.21 38.34
CA THR B 292 -26.61 -13.86 37.69
C THR B 292 -25.55 -14.29 38.73
N LYS B 293 -25.27 -13.43 39.71
CA LYS B 293 -24.24 -13.74 40.73
C LYS B 293 -24.46 -15.06 41.45
N ASN B 294 -25.69 -15.53 41.54
CA ASN B 294 -25.98 -16.81 42.25
C ASN B 294 -26.10 -18.02 41.33
N ARG B 295 -25.90 -17.83 40.03
CA ARG B 295 -25.79 -18.95 39.08
C ARG B 295 -24.32 -19.43 39.01
N TYR B 296 -23.97 -20.17 37.96
CA TYR B 296 -22.69 -20.79 37.89
C TYR B 296 -21.90 -20.33 36.66
N GLN B 297 -20.57 -20.41 36.80
CA GLN B 297 -19.65 -20.27 35.68
C GLN B 297 -19.37 -21.63 35.11
N ALA B 298 -18.78 -21.60 33.91
CA ALA B 298 -18.39 -22.77 33.13
C ALA B 298 -17.64 -23.83 33.94
N ASN B 299 -16.81 -23.40 34.89
CA ASN B 299 -15.99 -24.38 35.61
C ASN B 299 -16.72 -25.01 36.80
N GLY B 300 -18.02 -24.75 36.95
CA GLY B 300 -18.84 -25.31 38.05
C GLY B 300 -18.92 -24.46 39.32
N GLU B 301 -18.02 -23.49 39.46
N GLU B 301 -18.00 -23.50 39.45
CA GLU B 301 -18.04 -22.60 40.60
CA GLU B 301 -17.98 -22.56 40.57
C GLU B 301 -19.16 -21.57 40.48
C GLU B 301 -19.17 -21.59 40.48
N VAL B 302 -19.49 -20.96 41.60
CA VAL B 302 -20.56 -19.94 41.68
C VAL B 302 -20.10 -18.75 40.86
N PHE B 303 -21.02 -18.09 40.16
CA PHE B 303 -20.63 -17.03 39.21
C PHE B 303 -20.07 -15.84 39.95
N GLY B 304 -20.81 -15.33 40.92
CA GLY B 304 -20.30 -14.23 41.74
C GLY B 304 -20.04 -12.97 40.91
N ASP B 305 -18.91 -12.34 41.17
CA ASP B 305 -18.45 -11.19 40.40
C ASP B 305 -17.37 -11.67 39.44
N ALA B 306 -17.76 -12.62 38.60
CA ALA B 306 -16.85 -13.24 37.64
C ALA B 306 -16.08 -12.26 36.76
N LEU B 307 -16.68 -11.13 36.37
CA LEU B 307 -16.01 -10.13 35.51
C LEU B 307 -15.20 -9.06 36.27
N ASP B 308 -15.24 -9.09 37.60
CA ASP B 308 -14.68 -8.03 38.44
C ASP B 308 -15.20 -6.65 38.02
N ILE B 309 -16.53 -6.50 38.14
CA ILE B 309 -17.22 -5.24 37.89
C ILE B 309 -17.88 -4.66 39.16
N GLN B 310 -17.71 -5.30 40.32
CA GLN B 310 -18.34 -4.87 41.55
C GLN B 310 -19.81 -4.58 41.29
N ASN B 311 -20.37 -3.52 41.87
CA ASN B 311 -21.75 -3.17 41.62
C ASN B 311 -21.91 -2.09 40.57
N THR B 312 -21.06 -2.08 39.55
CA THR B 312 -21.13 -1.06 38.55
C THR B 312 -22.02 -1.43 37.33
N GLY B 313 -22.55 -2.67 37.31
CA GLY B 313 -23.25 -3.18 36.15
C GLY B 313 -24.76 -3.30 36.27
N ASN B 314 -25.39 -3.52 35.14
CA ASN B 314 -26.65 -4.22 35.12
C ASN B 314 -26.81 -5.01 33.84
N GLN B 315 -27.98 -5.57 33.61
CA GLN B 315 -28.22 -6.32 32.40
C GLN B 315 -29.52 -5.84 31.80
N THR B 316 -29.41 -4.75 31.04
CA THR B 316 -30.51 -4.13 30.34
C THR B 316 -30.34 -4.18 28.82
N TYR B 317 -29.26 -4.82 28.37
CA TYR B 317 -29.11 -5.23 26.97
C TYR B 317 -28.53 -6.61 27.01
N GLU B 318 -29.18 -7.55 26.32
CA GLU B 318 -28.71 -8.93 26.27
C GLU B 318 -28.92 -9.61 24.91
N TYR B 319 -27.87 -10.20 24.37
CA TYR B 319 -27.96 -10.96 23.12
C TYR B 319 -28.65 -12.29 23.38
N ASN B 320 -29.54 -12.68 22.46
CA ASN B 320 -30.06 -14.04 22.47
C ASN B 320 -28.87 -14.98 22.65
N LYS B 321 -29.03 -16.01 23.44
CA LYS B 321 -27.93 -16.97 23.73
C LYS B 321 -27.37 -17.75 22.51
N ALA B 322 -28.17 -17.88 21.46
CA ALA B 322 -27.71 -18.40 20.19
C ALA B 322 -26.55 -17.62 19.56
N VAL B 323 -26.41 -16.33 19.91
CA VAL B 323 -25.26 -15.55 19.45
C VAL B 323 -23.96 -16.17 19.99
N TYR B 324 -23.90 -16.39 21.29
CA TYR B 324 -22.78 -17.07 21.93
C TYR B 324 -22.61 -18.49 21.36
N GLN B 325 -23.69 -19.24 21.26
CA GLN B 325 -23.63 -20.63 20.78
C GLN B 325 -23.23 -20.75 19.31
N ASN B 326 -23.42 -19.70 18.51
CA ASN B 326 -22.94 -19.69 17.13
C ASN B 326 -21.39 -19.80 16.98
N PHE B 327 -20.67 -19.44 18.03
CA PHE B 327 -19.21 -19.47 18.03
C PHE B 327 -18.76 -20.91 18.37
N ASP B 328 -17.80 -21.42 17.60
CA ASP B 328 -16.98 -22.59 17.97
C ASP B 328 -16.17 -22.28 19.17
N ASP B 329 -15.92 -23.30 20.00
CA ASP B 329 -15.06 -23.11 21.19
C ASP B 329 -13.62 -22.75 20.84
N ALA B 330 -13.14 -23.18 19.66
CA ALA B 330 -11.78 -22.89 19.20
C ALA B 330 -11.65 -21.47 18.70
N ASP B 331 -12.77 -20.74 18.58
CA ASP B 331 -12.79 -19.33 18.18
C ASP B 331 -12.58 -18.46 19.43
N THR B 332 -11.44 -17.76 19.46
CA THR B 332 -11.07 -16.90 20.58
C THR B 332 -12.04 -15.74 20.78
N ARG B 333 -12.79 -15.35 19.75
CA ARG B 333 -13.75 -14.28 19.91
C ARG B 333 -14.87 -14.67 20.90
N LYS B 334 -15.11 -15.97 21.07
CA LYS B 334 -16.25 -16.45 21.88
C LYS B 334 -16.07 -15.98 23.31
N GLU B 335 -14.98 -16.39 23.97
CA GLU B 335 -14.75 -15.99 25.39
C GLU B 335 -14.17 -14.59 25.54
N ALA B 336 -13.63 -14.01 24.46
CA ALA B 336 -13.21 -12.59 24.50
C ALA B 336 -14.44 -11.68 24.55
N THR B 337 -15.51 -12.10 23.88
CA THR B 337 -16.69 -11.27 23.76
C THR B 337 -17.65 -11.51 24.95
N PHE B 338 -17.72 -12.76 25.42
CA PHE B 338 -18.73 -13.19 26.37
C PHE B 338 -18.18 -14.00 27.53
N ILE B 339 -18.90 -13.92 28.66
CA ILE B 339 -18.86 -14.91 29.69
C ILE B 339 -20.27 -15.47 29.79
N ALA B 340 -20.36 -16.78 30.00
CA ALA B 340 -21.65 -17.47 30.09
C ALA B 340 -22.02 -17.67 31.56
N SER B 341 -23.30 -17.59 31.87
CA SER B 341 -23.77 -18.01 33.17
C SER B 341 -24.73 -19.20 32.96
N TYR B 342 -24.66 -20.14 33.90
CA TYR B 342 -25.33 -21.43 33.82
C TYR B 342 -26.24 -21.73 35.03
N ASN B 343 -27.40 -22.33 34.74
N ASN B 343 -27.39 -22.35 34.78
CA ASN B 343 -28.21 -23.05 35.72
CA ASN B 343 -28.14 -22.98 35.85
C ASN B 343 -27.59 -24.42 35.96
C ASN B 343 -27.73 -24.45 35.91
N LYS B 344 -27.94 -25.06 37.08
CA LYS B 344 -27.60 -26.45 37.36
C LYS B 344 -28.88 -27.22 37.62
N ASP B 345 -29.07 -28.33 36.90
CA ASP B 345 -30.08 -29.30 37.31
C ASP B 345 -29.81 -29.70 38.78
N GLY B 346 -30.83 -29.54 39.63
CA GLY B 346 -30.71 -29.86 41.06
C GLY B 346 -30.53 -31.36 41.34
N LYS B 347 -30.99 -32.20 40.42
CA LYS B 347 -30.84 -33.66 40.54
C LYS B 347 -29.51 -34.11 39.91
N THR B 348 -29.26 -33.75 38.64
CA THR B 348 -28.10 -34.25 37.86
C THR B 348 -26.78 -33.43 37.96
N GLY B 349 -26.87 -32.22 38.53
CA GLY B 349 -25.70 -31.31 38.67
C GLY B 349 -25.17 -30.79 37.34
N GLU B 350 -25.91 -31.03 36.27
CA GLU B 350 -25.47 -30.71 34.95
C GLU B 350 -25.75 -29.22 34.62
N LEU B 351 -24.80 -28.59 33.93
CA LEU B 351 -24.85 -27.15 33.66
C LEU B 351 -25.57 -26.88 32.35
N SER B 352 -26.51 -25.95 32.35
CA SER B 352 -27.14 -25.52 31.09
C SER B 352 -27.00 -24.01 30.92
N LEU B 353 -26.69 -23.58 29.70
CA LEU B 353 -26.53 -22.16 29.37
C LEU B 353 -27.78 -21.36 29.69
N TYR B 354 -27.62 -20.33 30.53
CA TYR B 354 -28.75 -19.51 30.96
C TYR B 354 -28.64 -18.10 30.40
N GLY B 355 -27.55 -17.42 30.74
CA GLY B 355 -27.35 -16.06 30.27
C GLY B 355 -25.98 -15.89 29.64
N THR B 356 -25.84 -14.79 28.92
CA THR B 356 -24.58 -14.35 28.38
C THR B 356 -24.34 -12.89 28.72
N HIS B 357 -23.08 -12.53 28.90
CA HIS B 357 -22.73 -11.22 29.39
C HIS B 357 -21.50 -10.69 28.64
N VAL B 358 -21.54 -9.44 28.16
CA VAL B 358 -20.54 -8.95 27.21
C VAL B 358 -19.36 -8.36 27.98
N ARG B 359 -18.19 -8.96 27.81
CA ARG B 359 -16.94 -8.45 28.38
C ARG B 359 -15.89 -8.05 27.35
N LYS B 360 -16.34 -7.81 26.12
CA LYS B 360 -15.48 -7.47 24.97
C LYS B 360 -14.68 -6.18 25.19
N ASN B 361 -15.30 -5.20 25.84
CA ASN B 361 -14.81 -3.83 25.81
C ASN B 361 -15.26 -3.06 27.06
N ILE B 362 -15.01 -3.65 28.21
CA ILE B 362 -15.42 -3.08 29.50
C ILE B 362 -14.27 -2.41 30.29
N GLY B 363 -13.26 -1.91 29.58
CA GLY B 363 -12.24 -1.06 30.22
C GLY B 363 -11.32 -1.82 31.18
N TYR B 364 -11.13 -1.30 32.37
CA TYR B 364 -10.24 -1.92 33.37
C TYR B 364 -10.69 -1.68 34.80
N VAL B 365 -10.02 -2.33 35.73
CA VAL B 365 -10.18 -2.05 37.15
C VAL B 365 -8.99 -1.16 37.55
N ASN B 366 -9.28 0.05 38.08
CA ASN B 366 -8.21 0.95 38.47
C ASN B 366 -7.46 0.51 39.76
N ALA B 367 -6.47 1.32 40.18
CA ALA B 367 -5.63 0.95 41.37
C ALA B 367 -6.46 0.88 42.67
N GLN B 368 -7.58 1.62 42.71
CA GLN B 368 -8.49 1.60 43.84
C GLN B 368 -9.47 0.42 43.81
N GLY B 369 -9.41 -0.43 42.81
CA GLY B 369 -10.29 -1.61 42.73
C GLY B 369 -11.68 -1.35 42.11
N ALA B 370 -11.82 -0.23 41.42
CA ALA B 370 -13.09 0.15 40.78
C ALA B 370 -13.04 -0.08 39.28
N ARG B 371 -14.09 -0.70 38.75
CA ARG B 371 -14.26 -0.93 37.34
C ARG B 371 -14.57 0.40 36.67
N VAL B 372 -13.80 0.73 35.65
CA VAL B 372 -14.01 1.93 34.86
C VAL B 372 -14.29 1.54 33.41
N TYR B 373 -15.45 1.94 32.90
CA TYR B 373 -15.85 1.57 31.53
C TYR B 373 -15.30 2.58 30.54
N CYS B 374 -13.98 2.55 30.36
CA CYS B 374 -13.31 3.49 29.48
C CYS B 374 -12.83 2.84 28.20
N GLY B 375 -13.41 1.67 27.84
CA GLY B 375 -13.18 1.07 26.55
C GLY B 375 -13.46 2.06 25.41
N ASP B 376 -12.57 2.20 24.44
CA ASP B 376 -12.84 3.16 23.34
C ASP B 376 -13.92 2.59 22.44
N TYR B 377 -14.73 3.46 21.80
CA TYR B 377 -15.73 2.99 20.82
C TYR B 377 -15.11 3.00 19.41
N ILE B 378 -14.69 1.83 18.95
CA ILE B 378 -14.00 1.70 17.64
C ILE B 378 -15.08 1.84 16.58
N PHE B 379 -14.89 2.76 15.63
CA PHE B 379 -15.83 2.92 14.51
C PHE B 379 -15.33 2.20 13.27
N TYR B 380 -14.03 2.32 12.97
CA TYR B 380 -13.41 1.58 11.90
C TYR B 380 -12.11 0.90 12.34
N ARG B 381 -11.98 -0.39 11.98
CA ARG B 381 -10.74 -1.15 12.20
C ARG B 381 -10.56 -2.14 11.03
N LEU B 382 -9.36 -2.71 10.93
CA LEU B 382 -8.93 -3.35 9.69
C LEU B 382 -9.81 -4.52 9.22
N PRO B 383 -10.26 -5.43 10.12
CA PRO B 383 -11.12 -6.50 9.62
C PRO B 383 -12.46 -6.05 8.99
N TRP B 384 -12.91 -4.87 9.37
CA TRP B 384 -14.07 -4.27 8.74
C TRP B 384 -13.72 -3.95 7.29
N VAL B 385 -12.49 -3.51 7.06
CA VAL B 385 -12.06 -3.20 5.69
C VAL B 385 -12.05 -4.51 4.90
N TYR B 386 -11.46 -5.55 5.49
CA TYR B 386 -11.46 -6.85 4.82
C TYR B 386 -12.87 -7.33 4.49
N LEU B 387 -13.80 -7.30 5.47
CA LEU B 387 -15.15 -7.89 5.19
C LEU B 387 -15.98 -7.00 4.27
N THR B 388 -15.65 -5.72 4.20
CA THR B 388 -16.36 -4.79 3.29
C THR B 388 -15.86 -5.04 1.85
N LEU B 389 -14.57 -5.27 1.67
CA LEU B 389 -14.03 -5.68 0.36
C LEU B 389 -14.47 -7.10 -0.01
N ALA B 390 -14.68 -8.01 0.96
CA ALA B 390 -15.30 -9.31 0.64
C ALA B 390 -16.70 -9.13 -0.05
N GLU B 391 -17.49 -8.16 0.42
CA GLU B 391 -18.84 -7.92 -0.05
C GLU B 391 -18.77 -7.32 -1.46
N ILE B 392 -17.78 -6.44 -1.70
CA ILE B 392 -17.56 -5.89 -3.05
C ILE B 392 -17.17 -7.04 -4.01
N ALA B 393 -16.26 -7.90 -3.57
CA ALA B 393 -15.86 -9.08 -4.31
C ALA B 393 -17.09 -9.96 -4.68
N ASN B 394 -17.99 -10.16 -3.73
CA ASN B 394 -19.19 -10.93 -4.02
C ASN B 394 -20.00 -10.25 -5.13
N GLU B 396 -18.87 -8.35 -7.59
CA GLU B 396 -18.10 -8.47 -8.82
C GLU B 396 -18.14 -9.88 -9.44
N GLY B 397 -18.17 -10.88 -8.55
CA GLY B 397 -17.96 -12.27 -8.91
C GLY B 397 -16.61 -12.85 -8.53
N ASP B 398 -15.82 -12.10 -7.77
CA ASP B 398 -14.48 -12.51 -7.35
C ASP B 398 -14.57 -13.44 -6.16
N ASN B 399 -14.96 -14.66 -6.46
CA ASN B 399 -15.20 -15.64 -5.45
C ASN B 399 -13.96 -16.02 -4.66
N ALA B 400 -12.80 -16.08 -5.32
CA ALA B 400 -11.54 -16.31 -4.59
C ALA B 400 -11.27 -15.22 -3.57
N ALA B 401 -11.53 -13.96 -3.91
CA ALA B 401 -11.25 -12.84 -3.00
C ALA B 401 -12.23 -12.86 -1.84
N VAL B 402 -13.50 -13.21 -2.07
CA VAL B 402 -14.45 -13.40 -0.96
C VAL B 402 -13.85 -14.32 0.07
N ALA B 403 -13.41 -15.49 -0.38
CA ALA B 403 -12.86 -16.48 0.52
C ALA B 403 -11.57 -16.02 1.20
N LYS B 404 -10.70 -15.33 0.47
CA LYS B 404 -9.44 -14.82 1.05
C LYS B 404 -9.74 -13.91 2.24
N TYR B 405 -10.65 -12.95 2.06
CA TYR B 405 -10.94 -12.00 3.14
C TYR B 405 -11.60 -12.67 4.34
N ILE B 406 -12.57 -13.55 4.08
CA ILE B 406 -13.18 -14.31 5.17
C ILE B 406 -12.12 -15.07 5.96
N ASN B 407 -11.26 -15.75 5.25
CA ASN B 407 -10.26 -16.59 5.86
C ASN B 407 -9.16 -15.83 6.64
N LEU B 408 -8.82 -14.63 6.22
CA LEU B 408 -7.93 -13.77 6.98
C LEU B 408 -8.50 -13.51 8.38
N VAL B 409 -9.79 -13.14 8.43
CA VAL B 409 -10.49 -12.84 9.71
C VAL B 409 -10.59 -14.11 10.55
N ARG B 410 -11.01 -15.22 9.93
CA ARG B 410 -11.17 -16.47 10.69
C ARG B 410 -9.84 -16.98 11.22
N LYS B 411 -8.82 -16.95 10.38
CA LYS B 411 -7.52 -17.38 10.83
C LYS B 411 -7.06 -16.66 12.09
N ARG B 412 -7.24 -15.34 12.14
CA ARG B 412 -6.90 -14.58 13.35
C ARG B 412 -7.76 -15.03 14.53
N ALA B 413 -9.05 -15.19 14.30
CA ALA B 413 -9.98 -15.54 15.35
C ALA B 413 -9.64 -16.86 16.00
N TYR B 414 -9.20 -17.83 15.21
CA TYR B 414 -8.96 -19.19 15.71
C TYR B 414 -7.58 -19.36 16.35
N GLY B 415 -6.72 -18.39 16.10
CA GLY B 415 -5.45 -18.34 16.81
C GLY B 415 -4.67 -19.63 16.58
N ASN B 416 -4.13 -20.16 17.68
CA ASN B 416 -3.34 -21.40 17.65
C ASN B 416 -4.16 -22.63 17.28
N ALA B 417 -5.50 -22.52 17.37
CA ALA B 417 -6.43 -23.58 16.98
C ALA B 417 -6.82 -23.55 15.50
N TRP B 418 -6.24 -22.64 14.71
CA TRP B 418 -6.59 -22.59 13.30
C TRP B 418 -6.25 -23.90 12.63
N ASP B 419 -7.25 -24.44 11.95
CA ASP B 419 -7.14 -25.67 11.22
C ASP B 419 -8.04 -25.52 10.01
N GLU B 420 -7.44 -25.42 8.83
CA GLU B 420 -8.17 -25.11 7.61
C GLU B 420 -9.21 -26.16 7.26
N THR B 421 -8.93 -27.41 7.60
CA THR B 421 -9.82 -28.51 7.29
C THR B 421 -11.12 -28.40 8.08
N LEU B 422 -11.05 -27.81 9.27
CA LEU B 422 -12.24 -27.62 10.11
C LEU B 422 -12.91 -26.24 9.91
N TYR B 423 -12.13 -25.18 9.67
CA TYR B 423 -12.64 -23.79 9.79
C TYR B 423 -12.51 -22.87 8.57
N ALA B 424 -11.79 -23.28 7.53
CA ALA B 424 -11.60 -22.41 6.37
C ALA B 424 -12.85 -22.41 5.51
N TYR B 425 -13.17 -21.25 4.93
CA TYR B 425 -14.28 -21.09 4.00
C TYR B 425 -13.85 -21.46 2.59
N PRO B 426 -14.54 -22.44 1.98
CA PRO B 426 -14.14 -22.79 0.62
C PRO B 426 -14.82 -21.85 -0.38
N GLU B 427 -14.08 -21.50 -1.44
CA GLU B 427 -14.63 -20.63 -2.48
C GLU B 427 -15.81 -21.30 -3.15
N THR B 428 -16.74 -20.47 -3.56
CA THR B 428 -17.95 -20.97 -4.20
C THR B 428 -18.47 -19.90 -5.10
N ALA B 429 -19.13 -20.33 -6.18
CA ALA B 429 -19.77 -19.36 -7.10
C ALA B 429 -21.19 -18.96 -6.67
N ASP B 430 -21.69 -19.60 -5.63
CA ASP B 430 -23.00 -19.28 -5.09
C ASP B 430 -22.99 -17.95 -4.37
N PHE B 431 -23.61 -16.93 -4.97
CA PHE B 431 -23.70 -15.61 -4.38
C PHE B 431 -24.28 -15.65 -2.94
N THR B 432 -25.33 -16.45 -2.74
CA THR B 432 -26.02 -16.48 -1.48
C THR B 432 -25.11 -17.02 -0.38
N THR B 433 -24.40 -18.13 -0.66
CA THR B 433 -23.52 -18.74 0.36
C THR B 433 -22.48 -17.70 0.73
N ASN B 434 -21.94 -17.00 -0.25
CA ASN B 434 -20.94 -15.95 -0.02
C ASN B 434 -21.49 -14.80 0.83
N GLU B 435 -22.64 -14.25 0.42
CA GLU B 435 -23.23 -13.10 1.13
C GLU B 435 -23.52 -13.47 2.61
N LEU B 436 -24.05 -14.67 2.82
CA LEU B 436 -24.40 -15.14 4.19
C LEU B 436 -23.14 -15.43 5.01
N ALA B 437 -22.10 -15.90 4.34
CA ALA B 437 -20.81 -16.13 4.97
C ALA B 437 -20.21 -14.82 5.44
N ILE B 438 -20.27 -13.78 4.60
CA ILE B 438 -19.77 -12.46 4.99
C ILE B 438 -20.59 -11.90 6.15
N LEU B 439 -21.91 -11.93 6.03
CA LEU B 439 -22.77 -11.51 7.16
C LEU B 439 -22.41 -12.21 8.44
N HIS B 440 -22.26 -13.54 8.36
CA HIS B 440 -22.06 -14.33 9.57
C HIS B 440 -20.67 -14.13 10.17
N GLU B 441 -19.68 -13.79 9.33
CA GLU B 441 -18.38 -13.39 9.83
C GLU B 441 -18.45 -12.02 10.55
N LYS B 442 -19.14 -11.06 9.94
CA LYS B 442 -19.42 -9.78 10.61
C LYS B 442 -20.19 -9.98 11.92
N ASP B 443 -21.10 -10.97 11.94
CA ASP B 443 -21.92 -11.20 13.13
C ASP B 443 -21.05 -11.59 14.31
N LYS B 444 -19.98 -12.31 14.01
CA LYS B 444 -19.08 -12.85 15.01
C LYS B 444 -18.01 -11.80 15.37
N GLU B 445 -17.49 -11.13 14.35
CA GLU B 445 -16.41 -10.17 14.50
C GLU B 445 -16.84 -8.84 15.20
N PHE B 446 -18.07 -8.41 14.99
CA PHE B 446 -18.44 -7.03 15.33
C PHE B 446 -19.59 -6.93 16.31
N ILE B 447 -19.69 -7.89 17.21
CA ILE B 447 -20.62 -7.84 18.32
C ILE B 447 -20.34 -6.56 19.11
N GLN B 448 -21.39 -5.75 19.29
CA GLN B 448 -21.32 -4.47 20.00
C GLN B 448 -20.53 -3.38 19.25
N GLU B 449 -20.37 -3.55 17.95
CA GLU B 449 -19.66 -2.60 17.11
C GLU B 449 -20.52 -2.08 15.97
N GLY B 450 -21.85 -2.20 16.07
CA GLY B 450 -22.74 -1.35 15.25
C GLY B 450 -22.92 -1.61 13.77
N GLN B 451 -22.81 -2.87 13.39
CA GLN B 451 -22.91 -3.24 11.98
C GLN B 451 -24.20 -3.98 11.59
N ARG B 452 -24.74 -4.82 12.47
CA ARG B 452 -25.74 -5.77 11.97
C ARG B 452 -26.99 -5.17 11.33
N TRP B 453 -27.54 -4.09 11.89
CA TRP B 453 -28.73 -3.44 11.29
C TRP B 453 -28.39 -3.00 9.88
N TRP B 454 -27.21 -2.41 9.72
CA TRP B 454 -26.81 -1.89 8.42
C TRP B 454 -26.59 -3.06 7.44
N ASP B 455 -25.92 -4.12 7.90
CA ASP B 455 -25.74 -5.34 7.10
C ASP B 455 -27.08 -5.89 6.57
N LEU B 456 -28.10 -5.93 7.42
CA LEU B 456 -29.39 -6.47 7.03
C LEU B 456 -30.11 -5.56 6.03
N ARG B 457 -29.92 -4.24 6.17
CA ARG B 457 -30.49 -3.30 5.17
C ARG B 457 -29.81 -3.44 3.80
N ARG B 458 -28.50 -3.74 3.83
CA ARG B 458 -27.61 -3.55 2.69
C ARG B 458 -27.34 -4.79 1.89
N THR B 460 -27.84 -8.54 0.28
CA THR B 460 -28.96 -9.07 -0.52
C THR B 460 -28.86 -10.59 -0.69
N LEU B 461 -30.00 -11.27 -0.88
CA LEU B 461 -29.99 -12.74 -0.87
C LEU B 461 -29.27 -13.25 -2.12
N THR B 462 -29.47 -12.51 -3.20
CA THR B 462 -28.91 -12.77 -4.53
C THR B 462 -28.48 -11.42 -5.11
N LYS B 463 -27.65 -11.46 -6.15
CA LYS B 463 -27.18 -10.22 -6.78
C LYS B 463 -28.37 -9.43 -7.31
N GLY B 464 -28.51 -8.20 -6.86
CA GLY B 464 -29.60 -7.33 -7.26
C GLY B 464 -30.93 -7.72 -6.62
N GLY B 465 -30.88 -8.63 -5.64
CA GLY B 465 -32.06 -9.24 -5.07
C GLY B 465 -32.51 -8.62 -3.77
N THR B 466 -33.16 -9.43 -2.94
CA THR B 466 -33.95 -8.92 -1.82
C THR B 466 -33.04 -8.62 -0.62
N PRO B 467 -33.22 -7.45 0.02
CA PRO B 467 -32.45 -7.16 1.23
C PRO B 467 -32.62 -8.27 2.30
N LEU B 468 -31.53 -8.60 2.96
CA LEU B 468 -31.57 -9.70 3.93
C LEU B 468 -32.51 -9.45 5.13
N VAL B 469 -32.77 -8.17 5.43
CA VAL B 469 -33.74 -7.80 6.49
C VAL B 469 -35.10 -8.47 6.17
N PHE B 470 -35.37 -8.71 4.91
CA PHE B 470 -36.66 -9.28 4.52
C PHE B 470 -36.63 -10.79 4.31
N CYS B 471 -35.51 -11.45 4.65
CA CYS B 471 -35.35 -12.87 4.28
C CYS B 471 -35.13 -13.68 5.57
N LYS B 472 -35.70 -14.87 5.65
CA LYS B 472 -35.46 -15.71 6.80
C LYS B 472 -33.96 -15.96 7.00
N GLU B 473 -33.18 -15.92 5.92
CA GLU B 473 -31.74 -16.17 6.01
C GLU B 473 -31.02 -15.08 6.77
N GLY B 474 -31.64 -13.92 6.91
CA GLY B 474 -31.05 -12.80 7.67
C GLY B 474 -31.26 -12.87 9.16
N SER B 475 -32.18 -13.73 9.60
CA SER B 475 -32.49 -13.82 11.00
C SER B 475 -31.49 -14.70 11.72
N LEU B 476 -31.50 -14.58 13.03
CA LEU B 476 -30.51 -15.25 13.86
C LEU B 476 -30.68 -16.76 13.78
N LEU B 477 -31.93 -17.20 13.84
CA LEU B 477 -32.26 -18.61 13.84
C LEU B 477 -32.55 -19.14 12.43
N GLY B 478 -32.80 -18.25 11.45
CA GLY B 478 -32.99 -18.64 10.07
C GLY B 478 -34.41 -19.04 9.76
N ASP B 479 -35.32 -18.74 10.69
CA ASP B 479 -36.72 -19.20 10.62
C ASP B 479 -37.71 -18.22 10.00
N ALA B 480 -37.59 -16.92 10.30
CA ALA B 480 -38.53 -15.92 9.77
C ALA B 480 -37.80 -14.62 9.58
N PRO B 481 -38.23 -13.84 8.59
CA PRO B 481 -37.60 -12.57 8.29
C PRO B 481 -37.79 -11.58 9.43
N ILE B 482 -36.80 -10.71 9.61
CA ILE B 482 -36.85 -9.69 10.64
C ILE B 482 -37.97 -8.69 10.35
N LEU B 483 -38.13 -8.31 9.08
CA LEU B 483 -39.27 -7.53 8.61
C LEU B 483 -40.03 -8.30 7.53
N ASN B 484 -41.35 -8.24 7.59
CA ASN B 484 -42.21 -8.73 6.52
C ASN B 484 -42.26 -7.71 5.39
N LYS B 485 -41.83 -8.10 4.20
CA LYS B 485 -41.72 -7.14 3.11
C LYS B 485 -43.08 -6.61 2.62
N SER B 486 -44.12 -7.43 2.69
CA SER B 486 -45.44 -7.05 2.20
C SER B 486 -46.14 -6.03 3.11
N THR B 487 -45.88 -6.07 4.41
CA THR B 487 -46.56 -5.20 5.39
C THR B 487 -45.65 -4.17 6.12
N GLU B 488 -44.32 -4.39 6.11
CA GLU B 488 -43.34 -3.61 6.89
C GLU B 488 -42.22 -2.95 6.05
N ALA B 489 -42.37 -2.87 4.74
CA ALA B 489 -41.35 -2.19 3.88
C ALA B 489 -41.00 -0.77 4.39
N HIS B 490 -42.02 -0.07 4.88
CA HIS B 490 -41.84 1.29 5.40
C HIS B 490 -40.96 1.35 6.63
N LYS B 491 -40.88 0.24 7.38
CA LYS B 491 -40.04 0.19 8.59
C LYS B 491 -38.52 0.09 8.31
N LEU B 492 -38.10 0.05 7.05
CA LEU B 492 -36.67 0.16 6.78
C LEU B 492 -36.13 1.50 7.30
N LEU B 493 -36.96 2.55 7.20
CA LEU B 493 -36.65 3.87 7.73
C LEU B 493 -37.42 4.10 9.03
N TRP B 494 -36.96 5.06 9.82
CA TRP B 494 -37.55 5.39 11.12
C TRP B 494 -38.51 6.58 11.04
N PRO B 495 -39.57 6.56 11.87
CA PRO B 495 -40.53 7.66 11.81
C PRO B 495 -40.09 8.78 12.70
N ILE B 496 -40.73 9.95 12.53
CA ILE B 496 -40.55 11.07 13.45
C ILE B 496 -41.84 11.28 14.28
N GLU B 497 -41.68 11.92 15.43
CA GLU B 497 -42.72 12.02 16.46
C GLU B 497 -43.89 12.90 16.00
N LYS B 498 -45.10 12.43 16.26
CA LYS B 498 -46.32 13.21 16.13
C LYS B 498 -46.17 14.62 16.68
N THR B 499 -45.49 14.76 17.80
CA THR B 499 -45.37 16.08 18.44
C THR B 499 -44.55 17.04 17.61
N LEU B 501 -44.18 16.86 14.35
CA LEU B 501 -44.99 17.11 13.16
C LEU B 501 -46.02 18.21 13.46
N ASN B 502 -46.71 18.14 14.60
CA ASN B 502 -47.70 19.19 14.98
C ASN B 502 -47.07 20.59 15.11
N LYS B 503 -45.89 20.69 15.70
CA LYS B 503 -45.22 21.99 15.86
C LYS B 503 -44.50 22.54 14.64
N ASP B 504 -44.28 21.71 13.60
CA ASP B 504 -43.48 22.12 12.44
C ASP B 504 -44.18 21.69 11.16
N PRO B 505 -44.99 22.59 10.60
CA PRO B 505 -45.73 22.25 9.39
C PRO B 505 -44.87 22.00 8.14
N ALA B 506 -43.58 22.30 8.20
CA ALA B 506 -42.68 22.04 7.05
C ALA B 506 -42.32 20.57 6.97
N LEU B 507 -42.40 19.86 8.10
CA LEU B 507 -42.01 18.45 8.20
C LEU B 507 -43.11 17.51 7.78
N GLU B 508 -42.73 16.44 7.09
CA GLU B 508 -43.66 15.37 6.76
C GLU B 508 -43.14 14.11 7.42
N GLN B 509 -44.05 13.23 7.75
CA GLN B 509 -43.70 11.94 8.30
C GLN B 509 -42.86 11.15 7.29
N THR B 510 -42.06 10.22 7.79
CA THR B 510 -41.29 9.31 6.93
C THR B 510 -42.28 8.45 6.14
N PRO B 511 -41.97 8.15 4.86
CA PRO B 511 -42.96 7.53 3.97
C PRO B 511 -43.50 6.20 4.47
N GLY B 512 -44.78 5.96 4.20
CA GLY B 512 -45.41 4.69 4.46
C GLY B 512 -45.97 4.59 5.87
N TYR B 513 -45.46 5.40 6.81
CA TYR B 513 -46.01 5.41 8.17
C TYR B 513 -47.35 6.16 8.15
N LYS B 514 -48.27 5.77 9.04
CA LYS B 514 -49.54 6.51 9.22
C LYS B 514 -49.28 7.85 9.88
#